data_7X47
#
_entry.id   7X47
#
_cell.length_a   1.00
_cell.length_b   1.00
_cell.length_c   1.00
_cell.angle_alpha   90.00
_cell.angle_beta   90.00
_cell.angle_gamma   90.00
#
_symmetry.space_group_name_H-M   'P 1'
#
loop_
_entity.id
_entity.type
_entity.pdbx_description
1 polymer '2E6 light chain'
2 polymer '2E6 heavy chain'
3 polymer 'Virion protein 1'
4 polymer VP2
5 polymer 'Genome polyprotein'
#
loop_
_entity_poly.entity_id
_entity_poly.type
_entity_poly.pdbx_seq_one_letter_code
_entity_poly.pdbx_strand_id
1 'polypeptide(L)'
;DIQMTQSPASLSVSVGETVTITCRASENVYRNLAWYQQKQGKSPQLLVYAATNLADGVPSRFSGSGSGTQYSLKINSLQS
EDFGSYFCQHFWSPVFTFGAGTKLELK
;
L
2 'polypeptide(L)'
;QVQLKQSGPGLVQPSQSLSITCTVSGFSLTNYGVHWVRQSPGKGLEWLGVIWRGGSTDYNAAFMSRLSITKDNSKSQVFF
KMNSLQADDTAIYYCAKGDYYGYDAMDSWGQGTSVTVSR
;
H
3 'polypeptide(L)'
;GPVEESVDRAVARVADTISSRPTNSESIPALTAAETGHTSQVVPSDTMQTRHVKNYHSRSESSIENFLCRSACVYYATYT
NNSKKGFAEWVINTRQVAQLRRKLELFTYLRFDLELTFVITSAQQPSTASSVDAPVQTHQIMYVPPGGPVPTKVKDYAWQ
TSTNPSVFWTEGNAPPRMSIPFISIGNAYSCFYDGWTQFSRNGVYGINTLNNMGTLYMRHVNEAGQGPIKSTVRIYFKPK
HVKAWVPRPPRLCQYEKQKNVNFSPIGVTTSRTDIITT
;
A
4 'polypeptide(L)'
;SPSAEECGYSDRVRSITLGNSTITTQECANVVVGYGVWPEYLKDNEATAEDQPTQPDVATCRFYTLESVQWMKNSAGWWW
KLPDALSQMGLFGQNMQYHYLGRTGYTIHVQCNASKFHQGCLLVVCVPEAEMGCSNLNNTPEFSELSGGDSARMFTDTQV
GESNAKKVQTAVWNAGMGVGVGNLTIFPHQWINLRTNNSATLVMPYINSVPMDNMFRHNNLTLMIIPFVPLNYSEGSSPY
VPITVTIAPMCAEYNGLRLASNQ
;
B
5 'polypeptide(L)'
;GLPVMTTPGSTQFLTSDDFQSPSAMPQFDVTPEMQIPGRVNNLMEIAEVDSVVPVNNTEDNVSSLKAYQIPVQSNSDNGK
QVFGFPLQPGANNVLNRTLLGEILNYYTHWSGSIKLTFMFCGSAMATGKFLLAYSPPGAGVPKNRKDAMLGTHVIWDVGL
QSSCVLCVPWISQTHYRYVVEDEYTAAGYVTCWYQTNIVVPADVQSSCDILCFVSACNDFSVRMLKDTPFIRQDTFYQ
;
C
#
# COMPACT_ATOMS: atom_id res chain seq x y z
N ASP A 1 15.58 -7.78 -24.45
CA ASP A 1 14.24 -8.10 -23.98
C ASP A 1 14.20 -9.47 -23.35
N ILE A 2 13.06 -9.81 -22.75
CA ILE A 2 12.86 -11.08 -22.07
C ILE A 2 12.24 -12.07 -23.04
N GLN A 3 12.73 -13.31 -23.03
CA GLN A 3 12.26 -14.35 -23.91
C GLN A 3 11.68 -15.51 -23.11
N MET A 4 10.70 -16.17 -23.71
CA MET A 4 10.05 -17.33 -23.11
C MET A 4 10.30 -18.54 -24.00
N THR A 5 10.94 -19.57 -23.44
CA THR A 5 11.24 -20.80 -24.17
C THR A 5 10.43 -21.94 -23.57
N GLN A 6 9.44 -22.42 -24.33
CA GLN A 6 8.55 -23.47 -23.88
C GLN A 6 9.16 -24.84 -24.20
N SER A 7 9.18 -25.73 -23.21
CA SER A 7 9.89 -26.99 -23.34
C SER A 7 9.09 -28.14 -22.74
N PRO A 8 9.06 -29.31 -23.38
CA PRO A 8 9.69 -29.66 -24.66
C PRO A 8 8.80 -29.33 -25.86
N ALA A 9 9.06 -29.99 -26.99
CA ALA A 9 8.37 -29.64 -28.22
C ALA A 9 6.93 -30.13 -28.22
N SER A 10 6.72 -31.43 -28.09
CA SER A 10 5.38 -31.99 -28.15
C SER A 10 5.36 -33.32 -27.41
N LEU A 11 4.16 -33.73 -26.99
CA LEU A 11 3.98 -34.97 -26.26
C LEU A 11 2.88 -35.79 -26.93
N SER A 12 2.91 -37.09 -26.67
CA SER A 12 1.85 -37.99 -27.11
C SER A 12 1.72 -39.08 -26.06
N VAL A 13 0.85 -38.86 -25.08
CA VAL A 13 0.66 -39.75 -23.95
C VAL A 13 -0.78 -40.27 -24.02
N SER A 14 -1.01 -41.42 -23.39
CA SER A 14 -2.33 -42.03 -23.38
C SER A 14 -3.24 -41.28 -22.40
N VAL A 15 -4.48 -41.75 -22.27
CA VAL A 15 -5.47 -41.07 -21.45
C VAL A 15 -5.34 -41.55 -20.01
N GLY A 16 -5.12 -40.61 -19.09
CA GLY A 16 -5.09 -40.92 -17.68
C GLY A 16 -3.73 -40.94 -17.03
N GLU A 17 -2.74 -40.28 -17.62
CA GLU A 17 -1.39 -40.25 -17.08
C GLU A 17 -1.09 -38.88 -16.49
N THR A 18 -0.01 -38.83 -15.72
CA THR A 18 0.44 -37.58 -15.10
C THR A 18 1.62 -37.05 -15.91
N VAL A 19 1.36 -35.98 -16.66
CA VAL A 19 2.37 -35.38 -17.51
C VAL A 19 2.75 -34.02 -16.95
N THR A 20 3.90 -33.53 -17.39
CA THR A 20 4.42 -32.25 -16.95
C THR A 20 4.80 -31.42 -18.17
N ILE A 21 4.83 -30.10 -17.99
CA ILE A 21 5.27 -29.17 -19.02
C ILE A 21 5.85 -27.96 -18.32
N THR A 22 6.87 -27.36 -18.92
CA THR A 22 7.59 -26.26 -18.31
C THR A 22 7.93 -25.21 -19.35
N CYS A 23 8.25 -24.01 -18.88
CA CYS A 23 8.76 -22.96 -19.75
C CYS A 23 9.59 -22.01 -18.91
N ARG A 24 10.59 -21.43 -19.55
CA ARG A 24 11.64 -20.69 -18.87
C ARG A 24 11.63 -19.24 -19.32
N ALA A 25 11.96 -18.34 -18.41
CA ALA A 25 12.04 -16.93 -18.70
C ALA A 25 13.49 -16.50 -18.86
N SER A 26 13.70 -15.21 -19.06
CA SER A 26 15.04 -14.65 -19.20
C SER A 26 15.48 -13.91 -17.95
N GLU A 27 14.61 -13.11 -17.35
CA GLU A 27 14.89 -12.52 -16.05
C GLU A 27 13.74 -12.79 -15.10
N ASN A 28 13.75 -12.15 -13.94
CA ASN A 28 12.71 -12.38 -12.95
C ASN A 28 11.39 -11.77 -13.41
N VAL A 29 10.30 -12.53 -13.23
CA VAL A 29 8.96 -12.06 -13.56
C VAL A 29 8.05 -11.97 -12.34
N TYR A 30 8.44 -12.57 -11.21
CA TYR A 30 7.70 -12.55 -9.95
C TYR A 30 6.30 -13.13 -10.11
N ARG A 31 6.24 -14.33 -10.69
CA ARG A 31 5.02 -15.13 -10.84
C ARG A 31 3.94 -14.42 -11.64
N ASN A 32 4.34 -13.62 -12.63
CA ASN A 32 3.38 -12.94 -13.48
C ASN A 32 3.20 -13.71 -14.78
N LEU A 33 2.71 -14.93 -14.64
CA LEU A 33 2.63 -15.87 -15.75
C LEU A 33 1.18 -16.29 -15.97
N ALA A 34 0.84 -16.57 -17.22
CA ALA A 34 -0.49 -17.02 -17.60
C ALA A 34 -0.37 -18.18 -18.57
N TRP A 35 -1.19 -19.21 -18.36
CA TRP A 35 -1.21 -20.38 -19.22
C TRP A 35 -2.45 -20.36 -20.10
N TYR A 36 -2.28 -20.78 -21.35
CA TYR A 36 -3.37 -20.77 -22.31
C TYR A 36 -3.47 -22.12 -23.00
N GLN A 37 -4.67 -22.45 -23.48
CA GLN A 37 -4.92 -23.70 -24.18
C GLN A 37 -5.81 -23.41 -25.37
N GLN A 38 -5.37 -23.82 -26.55
CA GLN A 38 -6.13 -23.65 -27.78
C GLN A 38 -6.26 -24.99 -28.47
N LYS A 39 -7.50 -25.36 -28.79
CA LYS A 39 -7.77 -26.59 -29.52
C LYS A 39 -7.67 -26.34 -31.02
N GLN A 40 -8.18 -27.25 -31.82
CA GLN A 40 -8.04 -27.19 -33.27
C GLN A 40 -8.94 -26.10 -33.83
N GLY A 41 -8.36 -24.92 -34.06
CA GLY A 41 -9.05 -23.83 -34.73
C GLY A 41 -10.11 -23.15 -33.88
N LYS A 42 -9.80 -22.87 -32.62
CA LYS A 42 -10.70 -22.15 -31.74
C LYS A 42 -9.94 -21.01 -31.08
N SER A 43 -10.68 -20.18 -30.35
CA SER A 43 -10.00 -19.15 -29.58
C SER A 43 -9.44 -19.77 -28.30
N PRO A 44 -8.27 -19.33 -27.84
CA PRO A 44 -7.69 -19.91 -26.62
C PRO A 44 -8.46 -19.49 -25.39
N GLN A 45 -8.27 -20.26 -24.33
CA GLN A 45 -8.87 -19.96 -23.04
C GLN A 45 -7.78 -19.85 -21.98
N LEU A 46 -8.13 -19.20 -20.88
CA LEU A 46 -7.22 -19.03 -19.76
C LEU A 46 -7.46 -20.15 -18.76
N LEU A 47 -6.39 -20.78 -18.29
CA LEU A 47 -6.51 -21.80 -17.26
C LEU A 47 -5.86 -21.37 -15.95
N VAL A 48 -4.58 -21.03 -15.97
CA VAL A 48 -3.85 -20.64 -14.77
C VAL A 48 -3.33 -19.24 -14.95
N TYR A 49 -3.76 -18.33 -14.09
CA TYR A 49 -3.19 -17.00 -14.01
C TYR A 49 -2.37 -16.90 -12.74
N ALA A 50 -1.30 -16.10 -12.82
CA ALA A 50 -0.28 -15.93 -11.77
C ALA A 50 0.35 -17.25 -11.34
N ALA A 51 0.41 -18.20 -12.27
CA ALA A 51 1.18 -19.45 -12.20
C ALA A 51 0.74 -20.43 -11.12
N THR A 52 -0.24 -20.07 -10.30
CA THR A 52 -0.81 -20.96 -9.28
C THR A 52 -2.32 -21.02 -9.34
N ASN A 53 -2.97 -19.90 -9.64
CA ASN A 53 -4.41 -19.78 -9.47
C ASN A 53 -5.15 -20.27 -10.70
N LEU A 54 -6.02 -21.26 -10.52
CA LEU A 54 -6.82 -21.79 -11.60
C LEU A 54 -7.92 -20.81 -11.98
N ALA A 55 -8.50 -21.02 -13.16
CA ALA A 55 -9.58 -20.18 -13.63
C ALA A 55 -10.89 -20.63 -12.97
N ASP A 56 -12.00 -20.01 -13.37
CA ASP A 56 -13.26 -20.23 -12.67
C ASP A 56 -13.91 -21.56 -13.06
N GLY A 57 -13.87 -21.91 -14.34
CA GLY A 57 -14.56 -23.11 -14.80
C GLY A 57 -13.64 -24.25 -15.13
N VAL A 58 -12.34 -24.01 -15.07
CA VAL A 58 -11.34 -25.04 -15.37
C VAL A 58 -11.33 -26.06 -14.25
N PRO A 59 -11.32 -27.37 -14.55
CA PRO A 59 -11.34 -28.38 -13.49
C PRO A 59 -10.04 -28.41 -12.70
N SER A 60 -10.05 -29.21 -11.64
CA SER A 60 -8.93 -29.31 -10.72
C SER A 60 -7.85 -30.28 -11.18
N ARG A 61 -7.91 -30.74 -12.42
CA ARG A 61 -6.86 -31.62 -12.93
C ARG A 61 -5.57 -30.84 -13.18
N PHE A 62 -5.70 -29.64 -13.71
CA PHE A 62 -4.53 -28.80 -13.99
C PHE A 62 -3.95 -28.24 -12.70
N SER A 63 -2.65 -28.00 -12.72
CA SER A 63 -1.95 -27.43 -11.59
C SER A 63 -0.66 -26.80 -12.09
N GLY A 64 -0.35 -25.62 -11.57
CA GLY A 64 0.89 -24.96 -11.96
C GLY A 64 1.71 -24.58 -10.75
N SER A 65 3.01 -24.36 -10.94
CA SER A 65 3.88 -23.93 -9.86
C SER A 65 5.06 -23.19 -10.44
N GLY A 66 5.97 -22.79 -9.56
CA GLY A 66 7.18 -22.12 -9.98
C GLY A 66 7.27 -20.70 -9.47
N SER A 67 8.49 -20.21 -9.26
CA SER A 67 8.71 -18.84 -8.86
C SER A 67 10.08 -18.42 -9.38
N GLY A 68 10.20 -17.16 -9.76
CA GLY A 68 11.46 -16.69 -10.30
C GLY A 68 11.56 -16.84 -11.80
N THR A 69 12.15 -17.93 -12.26
CA THR A 69 12.36 -18.18 -13.68
C THR A 69 11.87 -19.54 -14.14
N GLN A 70 12.05 -20.58 -13.35
CA GLN A 70 11.64 -21.94 -13.73
C GLN A 70 10.18 -22.14 -13.34
N TYR A 71 9.30 -22.12 -14.33
CA TYR A 71 7.87 -22.31 -14.10
C TYR A 71 7.39 -23.56 -14.82
N SER A 72 6.33 -24.15 -14.28
CA SER A 72 5.88 -25.44 -14.78
C SER A 72 4.40 -25.61 -14.52
N LEU A 73 3.79 -26.47 -15.34
CA LEU A 73 2.39 -26.86 -15.21
C LEU A 73 2.31 -28.37 -15.16
N LYS A 74 1.36 -28.89 -14.37
CA LYS A 74 1.25 -30.31 -14.12
C LYS A 74 -0.18 -30.77 -14.31
N ILE A 75 -0.37 -31.71 -15.24
CA ILE A 75 -1.65 -32.39 -15.43
C ILE A 75 -1.53 -33.74 -14.76
N ASN A 76 -2.51 -34.09 -13.92
CA ASN A 76 -2.41 -35.32 -13.16
C ASN A 76 -3.03 -36.51 -13.89
N SER A 77 -4.09 -36.27 -14.67
CA SER A 77 -4.78 -37.35 -15.37
C SER A 77 -5.40 -36.79 -16.63
N LEU A 78 -4.99 -37.32 -17.78
CA LEU A 78 -5.51 -36.83 -19.04
C LEU A 78 -6.92 -37.35 -19.27
N GLN A 79 -7.66 -36.61 -20.07
CA GLN A 79 -8.96 -37.02 -20.59
C GLN A 79 -8.92 -36.89 -22.10
N SER A 80 -10.00 -37.33 -22.75
CA SER A 80 -10.06 -37.28 -24.20
C SER A 80 -10.26 -35.88 -24.76
N GLU A 81 -10.60 -34.91 -23.91
CA GLU A 81 -10.89 -33.55 -24.34
C GLU A 81 -9.80 -32.57 -23.96
N ASP A 82 -8.63 -33.06 -23.57
CA ASP A 82 -7.57 -32.20 -23.05
C ASP A 82 -6.41 -32.00 -24.01
N PHE A 83 -6.51 -32.51 -25.24
CA PHE A 83 -5.43 -32.29 -26.19
C PHE A 83 -5.50 -30.88 -26.78
N GLY A 84 -4.46 -30.54 -27.54
CA GLY A 84 -4.39 -29.25 -28.18
C GLY A 84 -3.07 -28.56 -27.91
N SER A 85 -3.02 -27.25 -28.11
CA SER A 85 -1.83 -26.48 -27.87
C SER A 85 -1.83 -25.90 -26.47
N TYR A 86 -0.64 -25.57 -25.99
CA TYR A 86 -0.48 -25.00 -24.65
C TYR A 86 0.59 -23.94 -24.68
N PHE A 87 0.24 -22.75 -24.20
CA PHE A 87 1.11 -21.59 -24.24
C PHE A 87 1.28 -21.02 -22.85
N CYS A 88 2.50 -20.62 -22.52
CA CYS A 88 2.76 -19.83 -21.33
C CYS A 88 3.07 -18.41 -21.75
N GLN A 89 2.61 -17.45 -20.95
CA GLN A 89 2.75 -16.04 -21.27
C GLN A 89 3.09 -15.25 -20.03
N HIS A 90 4.15 -14.46 -20.09
CA HIS A 90 4.43 -13.51 -19.03
C HIS A 90 3.71 -12.20 -19.34
N PHE A 91 3.33 -11.49 -18.29
CA PHE A 91 2.76 -10.16 -18.45
C PHE A 91 3.45 -9.19 -17.52
N TRP A 92 4.77 -9.31 -17.41
CA TRP A 92 5.52 -8.45 -16.51
C TRP A 92 5.61 -7.03 -17.05
N SER A 93 6.27 -6.85 -18.19
CA SER A 93 6.44 -5.52 -18.73
C SER A 93 6.23 -5.57 -20.24
N PRO A 94 5.72 -4.50 -20.83
CA PRO A 94 5.75 -4.37 -22.29
C PRO A 94 7.19 -4.34 -22.78
N VAL A 95 7.50 -5.18 -23.77
CA VAL A 95 6.56 -5.98 -24.56
C VAL A 95 6.22 -7.36 -23.96
N PHE A 96 4.94 -7.68 -23.95
CA PHE A 96 4.51 -9.02 -23.55
C PHE A 96 4.79 -9.99 -24.68
N THR A 97 5.51 -11.07 -24.38
CA THR A 97 5.76 -12.10 -25.36
C THR A 97 5.25 -13.43 -24.85
N PHE A 98 5.01 -14.35 -25.77
CA PHE A 98 4.45 -15.66 -25.46
C PHE A 98 5.57 -16.69 -25.45
N GLY A 99 5.17 -17.94 -25.22
CA GLY A 99 6.07 -19.06 -25.41
C GLY A 99 6.08 -19.51 -26.85
N ALA A 100 6.62 -20.71 -27.06
CA ALA A 100 6.64 -21.27 -28.40
C ALA A 100 5.32 -21.94 -28.73
N GLY A 101 4.83 -22.80 -27.83
CA GLY A 101 3.62 -23.55 -28.10
C GLY A 101 3.94 -25.01 -28.32
N THR A 102 3.32 -25.86 -27.50
CA THR A 102 3.49 -27.30 -27.57
C THR A 102 2.20 -27.94 -28.11
N LYS A 103 2.17 -29.27 -28.10
CA LYS A 103 1.05 -29.99 -28.67
C LYS A 103 0.96 -31.38 -28.05
N LEU A 104 -0.26 -31.80 -27.75
CA LEU A 104 -0.53 -33.14 -27.22
C LEU A 104 -1.33 -33.92 -28.24
N GLU A 105 -0.77 -35.04 -28.72
CA GLU A 105 -1.45 -35.86 -29.72
C GLU A 105 -2.53 -36.72 -29.10
N LEU A 106 -2.28 -37.23 -27.88
CA LEU A 106 -3.11 -38.24 -27.20
C LEU A 106 -3.29 -39.49 -28.07
N LYS A 107 -2.19 -40.20 -28.26
CA LYS A 107 -2.23 -41.49 -28.96
C LYS A 107 -2.90 -42.56 -28.08
N GLN B 1 -22.87 -14.69 -20.04
CA GLN B 1 -22.83 -13.29 -20.46
C GLN B 1 -22.27 -13.17 -21.87
N VAL B 2 -22.88 -12.32 -22.68
CA VAL B 2 -22.47 -12.16 -24.07
C VAL B 2 -21.15 -11.41 -24.13
N GLN B 3 -20.19 -11.96 -24.86
CA GLN B 3 -18.84 -11.43 -24.86
C GLN B 3 -18.65 -10.55 -26.09
N LEU B 4 -17.41 -10.11 -26.29
CA LEU B 4 -17.11 -9.14 -27.33
C LEU B 4 -16.93 -9.81 -28.68
N LYS B 5 -17.37 -9.12 -29.73
CA LYS B 5 -17.21 -9.57 -31.11
C LYS B 5 -16.39 -8.55 -31.87
N GLN B 6 -16.10 -8.88 -33.13
CA GLN B 6 -15.42 -7.94 -34.01
C GLN B 6 -15.92 -8.08 -35.43
N SER B 7 -15.59 -7.09 -36.25
CA SER B 7 -16.08 -7.01 -37.62
C SER B 7 -15.01 -6.34 -38.47
N GLY B 8 -14.43 -7.09 -39.40
CA GLY B 8 -13.34 -6.60 -40.20
C GLY B 8 -13.53 -6.83 -41.69
N PRO B 9 -12.59 -6.31 -42.49
CA PRO B 9 -12.75 -6.41 -43.95
C PRO B 9 -12.45 -7.80 -44.47
N GLY B 10 -11.44 -8.47 -43.91
CA GLY B 10 -11.10 -9.80 -44.36
C GLY B 10 -10.08 -9.84 -45.49
N LEU B 11 -10.34 -9.12 -46.56
CA LEU B 11 -9.46 -9.11 -47.72
C LEU B 11 -8.91 -7.71 -47.94
N VAL B 12 -7.59 -7.64 -48.14
CA VAL B 12 -6.91 -6.37 -48.36
C VAL B 12 -6.09 -6.45 -49.64
N GLN B 13 -5.44 -5.34 -49.95
CA GLN B 13 -4.46 -4.97 -50.98
C GLN B 13 -3.09 -4.81 -50.32
N PRO B 14 -2.02 -5.28 -50.97
CA PRO B 14 -0.68 -5.14 -50.38
C PRO B 14 -0.25 -3.68 -50.28
N SER B 15 0.49 -3.38 -49.20
CA SER B 15 0.94 -2.04 -48.83
C SER B 15 -0.24 -1.07 -48.69
N GLN B 16 -1.14 -1.39 -47.78
CA GLN B 16 -2.32 -0.58 -47.52
C GLN B 16 -2.53 -0.37 -46.02
N SER B 17 -3.72 0.09 -45.65
CA SER B 17 -4.10 0.18 -44.26
C SER B 17 -5.25 -0.77 -43.97
N LEU B 18 -5.32 -1.23 -42.72
CA LEU B 18 -6.34 -2.17 -42.28
C LEU B 18 -7.15 -1.53 -41.16
N SER B 19 -8.43 -1.92 -41.07
CA SER B 19 -9.34 -1.32 -40.10
C SER B 19 -10.27 -2.41 -39.58
N ILE B 20 -10.03 -2.85 -38.34
CA ILE B 20 -10.91 -3.80 -37.66
C ILE B 20 -11.46 -3.14 -36.42
N THR B 21 -12.78 -3.12 -36.31
CA THR B 21 -13.49 -2.53 -35.18
C THR B 21 -14.06 -3.65 -34.32
N CYS B 22 -13.74 -3.62 -33.03
CA CYS B 22 -14.11 -4.68 -32.10
C CYS B 22 -15.30 -4.20 -31.26
N THR B 23 -16.38 -4.98 -31.26
CA THR B 23 -17.61 -4.60 -30.60
C THR B 23 -17.76 -5.36 -29.29
N VAL B 24 -17.94 -4.64 -28.20
CA VAL B 24 -18.04 -5.24 -26.87
C VAL B 24 -19.51 -5.27 -26.44
N SER B 25 -19.79 -5.99 -25.36
CA SER B 25 -21.14 -6.16 -24.87
C SER B 25 -21.10 -6.56 -23.41
N GLY B 26 -21.85 -5.84 -22.57
CA GLY B 26 -22.05 -6.20 -21.20
C GLY B 26 -21.21 -5.42 -20.20
N PHE B 27 -19.93 -5.19 -20.49
CA PHE B 27 -19.06 -4.48 -19.58
C PHE B 27 -18.71 -3.11 -20.14
N SER B 28 -18.22 -2.25 -19.26
CA SER B 28 -17.89 -0.89 -19.63
C SER B 28 -16.52 -0.84 -20.32
N LEU B 29 -16.02 0.36 -20.51
CA LEU B 29 -14.66 0.55 -20.99
C LEU B 29 -13.80 1.34 -20.01
N THR B 30 -14.38 1.88 -18.95
CA THR B 30 -13.61 2.50 -17.89
C THR B 30 -13.16 1.48 -16.85
N ASN B 31 -13.65 0.25 -16.91
CA ASN B 31 -13.25 -0.79 -15.98
C ASN B 31 -12.40 -1.87 -16.62
N TYR B 32 -12.20 -1.84 -17.93
CA TYR B 32 -11.43 -2.87 -18.59
C TYR B 32 -10.64 -2.26 -19.74
N GLY B 33 -9.65 -2.99 -20.20
CA GLY B 33 -8.91 -2.64 -21.39
C GLY B 33 -8.86 -3.81 -22.35
N VAL B 34 -8.69 -3.56 -23.64
CA VAL B 34 -8.69 -4.61 -24.63
C VAL B 34 -7.25 -4.92 -25.02
N HIS B 35 -7.06 -6.08 -25.62
CA HIS B 35 -5.74 -6.56 -26.04
C HIS B 35 -5.81 -7.00 -27.49
N TRP B 36 -4.77 -6.68 -28.25
CA TRP B 36 -4.71 -7.02 -29.66
C TRP B 36 -3.58 -8.01 -29.87
N VAL B 37 -3.93 -9.25 -30.20
CA VAL B 37 -2.98 -10.33 -30.34
C VAL B 37 -3.09 -10.90 -31.74
N ARG B 38 -1.97 -11.00 -32.43
CA ARG B 38 -1.90 -11.61 -33.75
C ARG B 38 -1.53 -13.08 -33.61
N GLN B 39 -2.38 -13.95 -34.15
CA GLN B 39 -2.10 -15.39 -34.20
C GLN B 39 -1.66 -15.73 -35.61
N SER B 40 -0.45 -16.24 -35.74
CA SER B 40 0.13 -16.57 -37.03
C SER B 40 0.66 -17.99 -37.04
N PRO B 41 0.54 -18.72 -38.15
CA PRO B 41 1.08 -20.09 -38.19
C PRO B 41 2.58 -20.14 -38.31
N GLY B 42 3.23 -19.08 -38.79
CA GLY B 42 4.66 -19.10 -38.98
C GLY B 42 5.44 -18.51 -37.82
N LYS B 43 5.04 -17.31 -37.39
CA LYS B 43 5.71 -16.63 -36.30
C LYS B 43 5.08 -16.93 -34.95
N GLY B 44 4.07 -17.80 -34.90
CA GLY B 44 3.43 -18.11 -33.64
C GLY B 44 2.58 -16.95 -33.15
N LEU B 45 2.37 -16.95 -31.83
CA LEU B 45 1.61 -15.88 -31.20
C LEU B 45 2.50 -14.68 -30.95
N GLU B 46 1.92 -13.49 -31.07
CA GLU B 46 2.64 -12.26 -30.79
C GLU B 46 1.65 -11.22 -30.31
N TRP B 47 2.10 -10.34 -29.43
CA TRP B 47 1.26 -9.28 -28.91
C TRP B 47 1.53 -8.00 -29.67
N LEU B 48 0.46 -7.28 -30.00
CA LEU B 48 0.56 -6.08 -30.82
C LEU B 48 0.46 -4.81 -29.99
N GLY B 49 -0.60 -4.66 -29.23
CA GLY B 49 -0.78 -3.43 -28.47
C GLY B 49 -2.06 -3.49 -27.65
N VAL B 50 -2.12 -2.60 -26.67
CA VAL B 50 -3.27 -2.50 -25.79
C VAL B 50 -3.67 -1.04 -25.67
N ILE B 51 -4.89 -0.82 -25.19
CA ILE B 51 -5.31 0.46 -24.66
C ILE B 51 -5.85 0.23 -23.25
N TRP B 52 -5.27 0.91 -22.27
CA TRP B 52 -5.64 0.66 -20.90
C TRP B 52 -6.98 1.30 -20.58
N ARG B 53 -7.44 1.08 -19.35
CA ARG B 53 -8.75 1.61 -18.95
C ARG B 53 -8.72 3.11 -18.74
N GLY B 54 -7.54 3.71 -18.60
CA GLY B 54 -7.44 5.15 -18.47
C GLY B 54 -7.35 5.90 -19.78
N GLY B 55 -7.19 5.20 -20.89
CA GLY B 55 -7.05 5.84 -22.18
C GLY B 55 -5.65 5.81 -22.75
N SER B 56 -4.65 5.43 -21.96
CA SER B 56 -3.29 5.36 -22.46
C SER B 56 -3.08 4.06 -23.23
N THR B 57 -2.23 4.14 -24.26
CA THR B 57 -1.94 3.01 -25.14
C THR B 57 -0.47 2.65 -25.06
N ASP B 58 -0.19 1.37 -25.29
CA ASP B 58 1.17 0.86 -25.39
C ASP B 58 1.22 -0.04 -26.62
N TYR B 59 2.28 0.07 -27.42
CA TYR B 59 2.42 -0.71 -28.63
C TYR B 59 3.63 -1.63 -28.54
N ASN B 60 3.68 -2.57 -29.47
CA ASN B 60 4.86 -3.41 -29.63
C ASN B 60 6.00 -2.62 -30.24
N ALA B 61 7.22 -3.08 -29.98
CA ALA B 61 8.40 -2.35 -30.43
C ALA B 61 8.59 -2.47 -31.94
N ALA B 62 8.25 -3.63 -32.50
CA ALA B 62 8.44 -3.86 -33.93
C ALA B 62 7.37 -3.22 -34.79
N PHE B 63 6.34 -2.62 -34.21
CA PHE B 63 5.24 -2.04 -34.94
C PHE B 63 4.92 -0.65 -34.43
N MET B 64 5.97 0.10 -34.07
CA MET B 64 5.78 1.42 -33.47
C MET B 64 5.21 2.42 -34.46
N SER B 65 5.56 2.28 -35.73
CA SER B 65 5.18 3.26 -36.73
C SER B 65 3.89 2.94 -37.46
N ARG B 66 3.36 1.72 -37.32
CA ARG B 66 2.26 1.27 -38.14
C ARG B 66 0.95 1.12 -37.38
N LEU B 67 0.92 1.41 -36.08
CA LEU B 67 -0.24 1.17 -35.25
C LEU B 67 -0.81 2.47 -34.72
N SER B 68 -2.13 2.48 -34.51
CA SER B 68 -2.83 3.61 -33.93
C SER B 68 -4.16 3.12 -33.39
N ILE B 69 -4.27 3.01 -32.06
CA ILE B 69 -5.44 2.42 -31.42
C ILE B 69 -6.21 3.51 -30.69
N THR B 70 -7.53 3.47 -30.78
CA THR B 70 -8.41 4.37 -30.05
C THR B 70 -9.71 3.66 -29.72
N LYS B 71 -10.52 4.32 -28.90
CA LYS B 71 -11.79 3.72 -28.47
C LYS B 71 -12.77 4.82 -28.11
N ASP B 72 -14.03 4.43 -27.98
CA ASP B 72 -15.11 5.31 -27.57
C ASP B 72 -15.81 4.66 -26.40
N ASN B 73 -16.03 5.43 -25.33
CA ASN B 73 -16.58 4.87 -24.10
C ASN B 73 -18.07 4.60 -24.21
N SER B 74 -18.85 5.62 -24.57
CA SER B 74 -20.31 5.47 -24.58
C SER B 74 -20.77 4.66 -25.78
N LYS B 75 -20.12 4.85 -26.93
CA LYS B 75 -20.47 4.07 -28.10
C LYS B 75 -19.99 2.63 -27.99
N SER B 76 -18.93 2.40 -27.20
CA SER B 76 -18.41 1.08 -26.80
C SER B 76 -17.95 0.24 -27.99
N GLN B 77 -17.02 0.81 -28.75
CA GLN B 77 -16.17 0.06 -29.66
C GLN B 77 -14.77 0.63 -29.61
N VAL B 78 -13.81 -0.19 -30.01
CA VAL B 78 -12.44 0.26 -30.16
C VAL B 78 -12.09 0.27 -31.64
N PHE B 79 -11.10 1.08 -32.00
CA PHE B 79 -10.66 1.20 -33.38
C PHE B 79 -9.15 1.16 -33.41
N PHE B 80 -8.60 0.35 -34.31
CA PHE B 80 -7.16 0.34 -34.50
C PHE B 80 -6.85 0.19 -35.99
N LYS B 81 -5.77 0.84 -36.42
CA LYS B 81 -5.39 0.91 -37.81
C LYS B 81 -3.97 0.39 -37.97
N MET B 82 -3.84 -0.80 -38.54
CA MET B 82 -2.55 -1.32 -38.97
C MET B 82 -2.24 -0.71 -40.33
N ASN B 83 -1.00 -0.31 -40.53
CA ASN B 83 -0.60 0.36 -41.77
C ASN B 83 0.52 -0.41 -42.45
N SER B 84 0.59 -0.23 -43.77
CA SER B 84 1.64 -0.66 -44.70
C SER B 84 1.69 -2.16 -44.96
N LEU B 85 0.91 -2.94 -44.19
CA LEU B 85 0.28 -4.24 -44.55
C LEU B 85 1.15 -5.15 -45.41
N GLN B 86 2.27 -5.56 -44.84
CA GLN B 86 3.27 -6.27 -45.62
C GLN B 86 2.87 -7.73 -45.83
N ALA B 87 3.76 -8.49 -46.46
CA ALA B 87 3.46 -9.86 -46.85
C ALA B 87 3.45 -10.83 -45.68
N ASP B 88 4.06 -10.47 -44.55
CA ASP B 88 4.10 -11.35 -43.40
C ASP B 88 2.85 -11.26 -42.53
N ASP B 89 1.87 -10.46 -42.93
CA ASP B 89 0.64 -10.29 -42.16
C ASP B 89 -0.44 -11.28 -42.55
N THR B 90 -0.07 -12.40 -43.16
CA THR B 90 -1.01 -13.47 -43.41
C THR B 90 -1.31 -14.18 -42.10
N ALA B 91 -2.21 -13.62 -41.30
CA ALA B 91 -2.45 -14.12 -39.96
C ALA B 91 -3.85 -13.72 -39.54
N ILE B 92 -4.37 -14.44 -38.55
CA ILE B 92 -5.70 -14.17 -38.01
C ILE B 92 -5.52 -13.28 -36.79
N TYR B 93 -6.34 -12.23 -36.71
CA TYR B 93 -6.20 -11.20 -35.71
C TYR B 93 -7.28 -11.35 -34.66
N TYR B 94 -6.88 -11.36 -33.39
CA TYR B 94 -7.77 -11.59 -32.26
C TYR B 94 -8.00 -10.32 -31.48
N CYS B 95 -9.22 -10.18 -30.95
CA CYS B 95 -9.59 -9.11 -30.03
C CYS B 95 -9.96 -9.76 -28.70
N ALA B 96 -9.31 -9.35 -27.63
CA ALA B 96 -9.53 -9.96 -26.33
C ALA B 96 -9.47 -8.92 -25.23
N LYS B 97 -10.35 -9.06 -24.23
CA LYS B 97 -10.35 -8.17 -23.08
C LYS B 97 -9.35 -8.65 -22.04
N GLY B 98 -8.95 -7.74 -21.16
CA GLY B 98 -7.97 -8.06 -20.14
C GLY B 98 -8.48 -7.81 -18.75
N ASP B 99 -7.54 -7.73 -17.79
CA ASP B 99 -7.80 -7.41 -16.38
C ASP B 99 -8.76 -8.41 -15.75
N TYR B 100 -8.47 -9.69 -15.93
CA TYR B 100 -9.21 -10.76 -15.29
C TYR B 100 -8.89 -10.75 -13.81
N TYR B 101 -9.85 -10.28 -13.00
CA TYR B 101 -9.68 -10.03 -11.55
C TYR B 101 -8.50 -9.09 -11.27
N GLY B 102 -8.27 -8.15 -12.18
CA GLY B 102 -7.17 -7.21 -12.02
C GLY B 102 -5.80 -7.84 -12.10
N TYR B 103 -5.55 -8.68 -13.10
CA TYR B 103 -4.29 -9.41 -13.18
C TYR B 103 -3.57 -9.25 -14.51
N ASP B 104 -4.15 -8.53 -15.47
CA ASP B 104 -3.60 -8.30 -16.81
C ASP B 104 -3.34 -9.62 -17.55
N ALA B 105 -4.45 -10.33 -17.82
CA ALA B 105 -4.41 -11.52 -18.65
C ALA B 105 -5.67 -11.55 -19.50
N MET B 106 -5.57 -12.18 -20.66
CA MET B 106 -6.69 -12.20 -21.59
C MET B 106 -7.74 -13.20 -21.14
N ASP B 107 -8.90 -12.71 -20.75
CA ASP B 107 -9.96 -13.57 -20.23
C ASP B 107 -10.77 -14.20 -21.35
N SER B 108 -11.48 -13.38 -22.13
CA SER B 108 -12.31 -13.86 -23.21
C SER B 108 -11.85 -13.22 -24.50
N TRP B 109 -12.19 -13.86 -25.62
CA TRP B 109 -11.63 -13.50 -26.91
C TRP B 109 -12.71 -13.25 -27.93
N GLY B 110 -12.33 -12.59 -29.02
CA GLY B 110 -13.20 -12.47 -30.16
C GLY B 110 -13.20 -13.72 -31.02
N GLN B 111 -14.02 -13.70 -32.07
CA GLN B 111 -14.14 -14.86 -32.94
C GLN B 111 -12.96 -15.01 -33.88
N GLY B 112 -12.19 -13.94 -34.11
CA GLY B 112 -11.05 -14.00 -35.00
C GLY B 112 -11.46 -13.85 -36.45
N THR B 113 -10.85 -12.90 -37.15
CA THR B 113 -11.05 -12.71 -38.58
C THR B 113 -9.69 -12.84 -39.24
N SER B 114 -9.50 -13.88 -40.04
CA SER B 114 -8.24 -14.08 -40.73
C SER B 114 -8.16 -13.18 -41.95
N VAL B 115 -7.05 -12.46 -42.08
CA VAL B 115 -6.83 -11.60 -43.23
C VAL B 115 -5.66 -12.14 -44.04
N THR B 116 -5.67 -11.82 -45.33
CA THR B 116 -4.61 -12.21 -46.25
C THR B 116 -4.19 -11.00 -47.06
N VAL B 117 -2.89 -10.83 -47.25
CA VAL B 117 -2.38 -9.63 -47.89
C VAL B 117 -2.55 -9.69 -49.41
N SER B 118 -2.45 -10.87 -50.01
CA SER B 118 -2.36 -10.97 -51.45
C SER B 118 -3.73 -10.96 -52.11
N ARG B 119 -3.75 -10.40 -53.34
CA ARG B 119 -4.60 -10.90 -54.49
C ARG B 119 -4.32 -12.37 -54.78
N SER C 58 7.49 4.81 34.46
CA SER C 58 8.01 5.95 33.71
C SER C 58 7.27 6.11 32.39
N ARG C 59 6.51 7.20 32.26
CA ARG C 59 5.68 7.42 31.09
C ARG C 59 5.85 8.80 30.46
N SER C 60 6.43 9.77 31.17
CA SER C 60 6.60 11.11 30.63
C SER C 60 7.63 11.19 29.52
N GLU C 61 8.41 10.13 29.31
CA GLU C 61 9.33 10.06 28.19
C GLU C 61 8.64 9.56 26.92
N SER C 62 7.36 9.21 26.99
CA SER C 62 6.62 8.74 25.84
C SER C 62 5.49 9.67 25.45
N SER C 63 5.45 10.89 25.97
CA SER C 63 4.45 11.84 25.53
C SER C 63 4.79 12.35 24.14
N ILE C 64 3.80 12.95 23.48
CA ILE C 64 4.01 13.42 22.11
C ILE C 64 4.90 14.65 22.10
N GLU C 65 4.83 15.47 23.15
CA GLU C 65 5.70 16.63 23.23
C GLU C 65 7.16 16.23 23.38
N ASN C 66 7.44 15.24 24.22
CA ASN C 66 8.81 14.76 24.39
C ASN C 66 9.25 13.81 23.30
N PHE C 67 8.39 13.53 22.33
CA PHE C 67 8.76 12.63 21.24
C PHE C 67 9.23 13.36 20.01
N LEU C 68 8.85 14.63 19.84
CA LEU C 68 9.16 15.37 18.64
C LEU C 68 9.95 16.64 18.87
N CYS C 69 10.01 17.16 20.09
CA CYS C 69 10.69 18.42 20.39
C CYS C 69 12.20 18.18 20.42
N ARG C 70 12.77 17.97 19.23
CA ARG C 70 14.19 17.68 19.09
C ARG C 70 14.80 18.60 18.04
N SER C 71 16.01 18.29 17.57
CA SER C 71 16.64 19.08 16.54
C SER C 71 17.36 18.17 15.56
N ALA C 72 17.47 18.62 14.32
CA ALA C 72 18.10 17.81 13.27
C ALA C 72 18.65 18.71 12.18
N CYS C 73 19.86 18.40 11.72
CA CYS C 73 20.49 19.17 10.65
C CYS C 73 19.82 18.81 9.34
N VAL C 74 18.79 19.56 8.96
CA VAL C 74 17.98 19.19 7.81
C VAL C 74 18.53 19.69 6.49
N TYR C 75 19.50 20.59 6.49
CA TYR C 75 19.98 21.13 5.24
C TYR C 75 21.44 21.51 5.39
N TYR C 76 22.17 21.48 4.28
CA TYR C 76 23.59 21.77 4.31
C TYR C 76 23.99 22.21 2.91
N ALA C 77 24.28 23.50 2.76
CA ALA C 77 24.53 24.06 1.44
C ALA C 77 25.67 25.07 1.52
N THR C 78 26.38 25.22 0.42
CA THR C 78 27.49 26.14 0.33
C THR C 78 27.18 27.21 -0.71
N TYR C 79 27.72 28.40 -0.49
CA TYR C 79 27.55 29.50 -1.41
C TYR C 79 28.74 30.42 -1.29
N THR C 80 29.25 30.88 -2.41
CA THR C 80 30.35 31.83 -2.42
C THR C 80 29.84 33.20 -2.82
N ASN C 81 30.70 34.20 -2.68
CA ASN C 81 30.25 35.59 -2.80
C ASN C 81 30.48 36.19 -4.18
N ASN C 82 31.40 35.65 -4.97
CA ASN C 82 31.80 36.32 -6.19
C ASN C 82 31.25 35.67 -7.45
N SER C 83 30.68 34.48 -7.37
CA SER C 83 30.38 33.71 -8.57
C SER C 83 29.06 34.07 -9.23
N LYS C 84 28.43 35.19 -8.83
CA LYS C 84 27.30 35.85 -9.51
C LYS C 84 25.99 35.06 -9.37
N LYS C 85 26.07 33.83 -8.88
CA LYS C 85 24.89 33.03 -8.56
C LYS C 85 25.06 32.33 -7.23
N GLY C 86 25.96 32.83 -6.39
CA GLY C 86 26.18 32.22 -5.10
C GLY C 86 25.19 32.71 -4.09
N PHE C 87 24.14 31.93 -3.88
CA PHE C 87 23.16 32.17 -2.84
C PHE C 87 22.47 30.85 -2.55
N ALA C 88 22.25 30.57 -1.28
CA ALA C 88 21.65 29.30 -0.93
C ALA C 88 20.12 29.40 -0.96
N GLU C 89 19.49 28.27 -1.21
CA GLU C 89 18.04 28.25 -1.39
C GLU C 89 17.50 26.96 -0.83
N TRP C 90 16.44 27.05 -0.03
CA TRP C 90 15.85 25.86 0.54
C TRP C 90 14.37 26.07 0.72
N VAL C 91 13.58 25.10 0.30
CA VAL C 91 12.16 25.11 0.58
C VAL C 91 11.91 24.35 1.87
N ILE C 92 11.05 24.87 2.72
CA ILE C 92 10.77 24.21 3.99
C ILE C 92 9.85 23.03 3.73
N ASN C 93 10.33 21.82 4.04
CA ASN C 93 9.49 20.65 4.05
C ASN C 93 10.11 19.63 5.00
N THR C 94 9.25 18.87 5.66
CA THR C 94 9.72 17.90 6.62
C THR C 94 10.32 16.67 5.98
N ARG C 95 10.07 16.44 4.68
CA ARG C 95 10.43 15.19 4.04
C ARG C 95 11.84 15.18 3.50
N GLN C 96 12.72 16.03 4.01
CA GLN C 96 14.08 16.07 3.49
C GLN C 96 14.91 14.92 4.06
N VAL C 97 15.06 14.89 5.36
CA VAL C 97 15.88 13.89 6.04
C VAL C 97 14.99 12.68 6.34
N ALA C 98 15.54 11.49 6.14
CA ALA C 98 14.73 10.28 6.23
C ALA C 98 14.34 9.95 7.66
N GLN C 99 15.20 10.24 8.62
CA GLN C 99 14.95 9.80 10.00
C GLN C 99 13.86 10.64 10.66
N LEU C 100 13.66 11.87 10.21
CA LEU C 100 12.59 12.68 10.77
C LEU C 100 11.27 12.41 10.08
N ARG C 101 11.32 11.97 8.82
CA ARG C 101 10.09 11.73 8.07
C ARG C 101 9.33 10.55 8.63
N ARG C 102 10.06 9.53 9.11
CA ARG C 102 9.39 8.38 9.71
C ARG C 102 8.79 8.72 11.05
N LYS C 103 9.41 9.63 11.81
CA LYS C 103 8.86 10.01 13.09
C LYS C 103 7.67 10.93 12.97
N LEU C 104 7.47 11.56 11.82
CA LEU C 104 6.33 12.44 11.65
C LEU C 104 5.21 11.81 10.83
N GLU C 105 5.48 10.74 10.10
CA GLU C 105 4.44 10.07 9.36
C GLU C 105 3.69 9.05 10.21
N LEU C 106 3.98 8.96 11.50
CA LEU C 106 3.16 8.13 12.36
C LEU C 106 1.79 8.74 12.57
N PHE C 107 1.69 10.06 12.46
CA PHE C 107 0.42 10.75 12.56
C PHE C 107 0.06 11.34 11.21
N THR C 108 -1.20 11.73 11.07
CA THR C 108 -1.70 12.28 9.82
C THR C 108 -1.81 13.79 9.85
N TYR C 109 -2.43 14.35 10.88
CA TYR C 109 -2.66 15.78 10.97
C TYR C 109 -1.86 16.36 12.12
N LEU C 110 -0.90 17.20 11.81
CA LEU C 110 -0.07 17.86 12.80
C LEU C 110 -0.34 19.35 12.81
N ARG C 111 0.08 20.00 13.89
CA ARG C 111 -0.07 21.44 14.01
C ARG C 111 0.98 21.92 15.00
N PHE C 112 2.03 22.55 14.50
CA PHE C 112 3.14 22.93 15.36
C PHE C 112 3.69 24.29 14.93
N ASP C 113 4.24 25.00 15.91
CA ASP C 113 5.05 26.16 15.61
C ASP C 113 6.42 25.70 15.13
N LEU C 114 7.27 26.64 14.75
CA LEU C 114 8.55 26.27 14.19
C LEU C 114 9.64 27.19 14.68
N GLU C 115 10.82 26.64 14.89
CA GLU C 115 11.93 27.40 15.44
C GLU C 115 13.20 26.98 14.75
N LEU C 116 13.83 27.92 14.05
CA LEU C 116 14.98 27.63 13.22
C LEU C 116 16.22 28.29 13.78
N THR C 117 17.33 27.58 13.76
CA THR C 117 18.63 28.15 14.08
C THR C 117 19.59 27.84 12.96
N PHE C 118 20.53 28.74 12.73
CA PHE C 118 21.50 28.59 11.66
C PHE C 118 22.89 28.69 12.23
N VAL C 119 23.75 27.74 11.89
CA VAL C 119 25.16 27.86 12.21
C VAL C 119 25.92 28.08 10.91
N ILE C 120 26.67 29.18 10.87
CA ILE C 120 27.33 29.63 9.66
C ILE C 120 28.82 29.73 9.94
N THR C 121 29.64 29.20 9.05
CA THR C 121 31.07 29.40 9.12
C THR C 121 31.60 29.73 7.75
N SER C 122 32.83 30.21 7.70
CA SER C 122 33.44 30.67 6.46
C SER C 122 34.78 29.98 6.26
N ALA C 123 35.32 30.15 5.05
CA ALA C 123 36.58 29.52 4.69
C ALA C 123 37.23 30.33 3.60
N GLN C 124 38.51 30.62 3.75
CA GLN C 124 39.21 31.49 2.81
C GLN C 124 39.54 30.71 1.54
N GLN C 125 39.01 31.18 0.42
CA GLN C 125 39.36 30.59 -0.86
C GLN C 125 40.77 31.04 -1.27
N PRO C 126 41.46 30.26 -2.11
CA PRO C 126 42.82 30.66 -2.52
C PRO C 126 42.85 31.89 -3.39
N SER C 127 43.42 32.96 -2.85
CA SER C 127 43.54 34.24 -3.56
C SER C 127 44.87 34.28 -4.30
N THR C 128 45.20 35.45 -4.86
CA THR C 128 46.45 35.56 -5.62
C THR C 128 47.64 35.81 -4.70
N ALA C 129 47.70 36.98 -4.08
CA ALA C 129 48.92 37.43 -3.39
C ALA C 129 48.61 38.69 -2.60
N SER C 130 49.68 39.31 -2.08
CA SER C 130 49.73 40.68 -1.54
C SER C 130 48.92 40.84 -0.26
N SER C 131 48.94 39.80 0.59
CA SER C 131 48.55 39.87 2.01
C SER C 131 47.09 40.33 2.17
N VAL C 132 46.19 39.43 1.78
CA VAL C 132 44.76 39.71 1.86
C VAL C 132 44.33 39.86 3.32
N ASP C 133 43.64 40.95 3.61
CA ASP C 133 43.09 41.23 4.93
C ASP C 133 41.64 41.59 4.72
N ALA C 134 40.75 40.91 5.42
CA ALA C 134 39.33 41.18 5.28
C ALA C 134 38.71 41.44 6.64
N PRO C 135 37.79 42.39 6.74
CA PRO C 135 37.04 42.57 7.98
C PRO C 135 35.97 41.51 8.16
N VAL C 136 35.15 41.64 9.20
CA VAL C 136 34.17 40.60 9.49
C VAL C 136 33.06 40.63 8.44
N GLN C 137 32.48 39.46 8.21
CA GLN C 137 31.40 39.32 7.24
C GLN C 137 30.06 39.43 7.93
N THR C 138 29.05 39.83 7.17
CA THR C 138 27.67 39.76 7.63
C THR C 138 26.88 38.93 6.66
N HIS C 139 25.87 38.23 7.15
CA HIS C 139 25.06 37.37 6.32
C HIS C 139 23.60 37.77 6.46
N GLN C 140 22.87 37.69 5.35
CA GLN C 140 21.46 38.02 5.32
C GLN C 140 20.66 36.78 5.03
N ILE C 141 19.69 36.49 5.88
CA ILE C 141 18.88 35.28 5.77
C ILE C 141 17.44 35.71 5.55
N MET C 142 16.96 35.63 4.32
CA MET C 142 15.63 36.10 3.98
C MET C 142 14.65 34.95 4.02
N TYR C 143 13.44 35.23 4.49
CA TYR C 143 12.37 34.25 4.59
C TYR C 143 11.18 34.74 3.79
N VAL C 144 10.64 33.90 2.94
CA VAL C 144 9.53 34.26 2.06
C VAL C 144 8.29 33.50 2.52
N PRO C 145 7.18 34.18 2.77
CA PRO C 145 5.94 33.50 3.09
C PRO C 145 5.38 32.82 1.87
N PRO C 146 4.43 31.89 2.02
CA PRO C 146 3.82 31.26 0.84
C PRO C 146 3.01 32.27 0.04
N GLY C 147 3.39 32.44 -1.22
CA GLY C 147 2.74 33.42 -2.06
C GLY C 147 3.41 34.77 -2.02
N GLY C 148 4.71 34.80 -2.26
CA GLY C 148 5.46 36.03 -2.29
C GLY C 148 6.47 36.03 -3.41
N PRO C 149 7.27 37.10 -3.50
CA PRO C 149 8.28 37.17 -4.54
C PRO C 149 9.45 36.26 -4.22
N VAL C 150 10.19 35.90 -5.27
CA VAL C 150 11.29 34.95 -5.15
C VAL C 150 12.49 35.50 -5.91
N PRO C 151 13.66 35.58 -5.30
CA PRO C 151 14.84 36.09 -6.02
C PRO C 151 15.36 35.07 -7.02
N THR C 152 16.18 35.55 -7.93
CA THR C 152 16.83 34.68 -8.89
C THR C 152 18.31 34.98 -9.12
N LYS C 153 18.81 36.12 -8.66
CA LYS C 153 20.23 36.41 -8.71
C LYS C 153 20.67 36.92 -7.36
N VAL C 154 21.96 37.20 -7.24
CA VAL C 154 22.47 37.69 -5.97
C VAL C 154 22.06 39.15 -5.77
N LYS C 155 21.79 39.87 -6.84
CA LYS C 155 21.35 41.25 -6.78
C LYS C 155 20.02 41.36 -7.52
N ASP C 156 18.93 41.44 -6.78
CA ASP C 156 17.61 41.54 -7.36
C ASP C 156 16.76 42.43 -6.49
N TYR C 157 15.57 42.76 -7.00
CA TYR C 157 14.63 43.59 -6.26
C TYR C 157 14.06 42.86 -5.06
N ALA C 158 13.96 41.53 -5.13
CA ALA C 158 13.28 40.76 -4.11
C ALA C 158 14.01 40.71 -2.77
N TRP C 159 15.25 41.18 -2.70
CA TRP C 159 15.93 41.21 -1.41
C TRP C 159 15.59 42.46 -0.62
N GLN C 160 15.49 43.61 -1.29
CA GLN C 160 15.13 44.87 -0.62
C GLN C 160 13.63 45.09 -0.56
N THR C 161 12.83 44.02 -0.52
CA THR C 161 11.39 44.17 -0.41
C THR C 161 10.98 44.35 1.05
N SER C 162 9.70 44.58 1.26
CA SER C 162 9.20 45.04 2.55
C SER C 162 8.61 43.92 3.40
N THR C 163 7.66 43.18 2.87
CA THR C 163 6.91 42.20 3.65
C THR C 163 7.58 40.83 3.70
N ASN C 164 8.87 40.75 3.40
CA ASN C 164 9.60 39.51 3.58
C ASN C 164 10.55 39.70 4.74
N PRO C 165 10.29 39.09 5.89
CA PRO C 165 11.17 39.30 7.05
C PRO C 165 12.51 38.64 6.84
N SER C 166 13.56 39.32 7.28
CA SER C 166 14.92 38.84 7.10
C SER C 166 15.77 39.31 8.27
N VAL C 167 16.80 38.53 8.58
CA VAL C 167 17.70 38.87 9.67
C VAL C 167 19.04 39.24 9.09
N PHE C 168 19.85 39.91 9.89
CA PHE C 168 21.21 40.26 9.54
C PHE C 168 22.11 39.84 10.70
N TRP C 169 23.21 39.18 10.37
CA TRP C 169 23.99 38.52 11.39
C TRP C 169 25.46 38.63 11.04
N THR C 170 26.24 39.18 11.95
CA THR C 170 27.69 39.23 11.78
C THR C 170 28.32 38.01 12.39
N GLU C 171 29.53 37.69 11.94
CA GLU C 171 30.18 36.52 12.48
C GLU C 171 30.77 36.81 13.84
N GLY C 172 31.10 35.74 14.57
CA GLY C 172 31.69 35.89 15.88
C GLY C 172 30.70 36.19 16.98
N ASN C 173 29.40 36.01 16.72
CA ASN C 173 28.39 36.26 17.74
C ASN C 173 27.56 35.01 17.95
N ALA C 174 26.45 35.14 18.66
CA ALA C 174 25.56 34.01 18.83
C ALA C 174 24.89 33.68 17.50
N PRO C 175 24.55 32.41 17.26
CA PRO C 175 23.89 32.04 16.02
C PRO C 175 22.48 32.59 15.96
N PRO C 176 22.00 32.94 14.77
CA PRO C 176 20.75 33.70 14.66
C PRO C 176 19.46 32.89 14.68
N ARG C 177 18.91 32.64 15.85
CA ARG C 177 17.62 31.95 15.95
C ARG C 177 16.49 32.84 15.46
N MET C 178 15.57 32.27 14.70
CA MET C 178 14.31 32.92 14.40
C MET C 178 13.19 31.89 14.57
N SER C 179 11.96 32.39 14.68
CA SER C 179 10.84 31.51 14.99
C SER C 179 9.63 31.87 14.13
N ILE C 180 9.07 30.88 13.46
CA ILE C 180 7.95 31.05 12.54
C ILE C 180 6.72 30.41 13.17
N PRO C 181 5.60 31.11 13.25
CA PRO C 181 4.38 30.50 13.78
C PRO C 181 3.72 29.64 12.71
N PHE C 182 2.61 29.02 13.08
CA PHE C 182 1.92 28.07 12.22
C PHE C 182 1.15 28.83 11.15
N ILE C 183 1.57 28.71 9.90
CA ILE C 183 0.98 29.46 8.80
C ILE C 183 0.24 28.51 7.87
N SER C 184 -1.09 28.54 7.93
CA SER C 184 -1.89 27.78 6.99
C SER C 184 -3.28 28.38 6.96
N ILE C 185 -3.92 28.27 5.80
CA ILE C 185 -5.32 28.65 5.72
C ILE C 185 -6.18 27.61 6.41
N GLY C 186 -5.78 26.35 6.33
CA GLY C 186 -6.48 25.28 7.01
C GLY C 186 -6.18 25.25 8.49
N ASN C 187 -6.69 24.22 9.15
CA ASN C 187 -6.52 24.11 10.58
C ASN C 187 -5.33 23.27 10.98
N ALA C 188 -4.81 22.43 10.10
CA ALA C 188 -3.70 21.57 10.47
C ALA C 188 -2.91 21.20 9.23
N TYR C 189 -1.61 20.98 9.41
CA TYR C 189 -0.80 20.44 8.35
C TYR C 189 -1.24 19.01 8.05
N SER C 190 -1.02 18.57 6.82
CA SER C 190 -1.44 17.24 6.41
C SER C 190 -0.24 16.55 5.79
N CYS C 191 0.29 15.54 6.50
CA CYS C 191 1.40 14.77 5.95
C CYS C 191 0.93 13.70 4.98
N PHE C 192 -0.37 13.57 4.74
CA PHE C 192 -0.88 12.68 3.71
C PHE C 192 -2.09 13.33 3.08
N TYR C 193 -2.25 13.14 1.78
CA TYR C 193 -3.33 13.80 1.06
C TYR C 193 -3.70 12.95 -0.15
N ASP C 194 -4.82 12.25 -0.07
CA ASP C 194 -5.32 11.48 -1.20
C ASP C 194 -6.22 12.40 -2.00
N GLY C 195 -5.64 13.08 -2.96
CA GLY C 195 -6.40 13.97 -3.81
C GLY C 195 -5.49 14.80 -4.67
N TRP C 196 -6.10 15.48 -5.61
CA TRP C 196 -5.33 16.28 -6.55
C TRP C 196 -5.22 17.70 -6.01
N THR C 197 -4.51 18.55 -6.73
CA THR C 197 -4.23 19.87 -6.22
C THR C 197 -5.41 20.81 -6.41
N VAL C 204 -2.06 17.28 -10.88
CA VAL C 204 -1.00 16.56 -10.19
C VAL C 204 -1.61 15.91 -8.96
N TYR C 205 -1.03 14.78 -8.53
CA TYR C 205 -1.61 13.95 -7.50
C TYR C 205 -0.78 14.01 -6.22
N GLY C 206 -1.47 14.21 -5.09
CA GLY C 206 -0.82 14.15 -3.80
C GLY C 206 0.14 15.28 -3.53
N ILE C 207 -0.29 16.52 -3.74
CA ILE C 207 0.54 17.70 -3.53
C ILE C 207 0.01 18.57 -2.40
N ASN C 208 -1.27 18.93 -2.46
CA ASN C 208 -1.99 19.68 -1.42
C ASN C 208 -1.31 21.02 -1.13
N THR C 209 -1.47 21.95 -2.07
CA THR C 209 -0.85 23.27 -2.01
C THR C 209 -1.26 24.15 -0.84
N LEU C 210 -2.12 23.66 0.05
CA LEU C 210 -2.47 24.39 1.25
C LEU C 210 -1.32 24.40 2.26
N ASN C 211 -0.65 23.28 2.46
CA ASN C 211 0.40 23.20 3.49
C ASN C 211 1.76 23.54 2.91
N ASN C 212 1.86 24.77 2.42
CA ASN C 212 3.10 25.32 1.88
C ASN C 212 3.67 26.27 2.91
N MET C 213 4.86 25.99 3.42
CA MET C 213 5.39 26.75 4.55
C MET C 213 6.36 27.85 4.16
N GLY C 214 6.83 27.89 2.93
CA GLY C 214 7.69 28.97 2.48
C GLY C 214 9.12 28.50 2.28
N THR C 215 9.96 29.45 1.87
CA THR C 215 11.33 29.15 1.49
C THR C 215 12.30 29.97 2.33
N LEU C 216 13.59 29.74 2.09
CA LEU C 216 14.66 30.50 2.73
C LEU C 216 15.72 30.85 1.70
N TYR C 217 16.40 31.97 1.94
CA TYR C 217 17.42 32.44 1.02
C TYR C 217 18.52 33.14 1.80
N MET C 218 19.78 32.89 1.42
CA MET C 218 20.92 33.43 2.13
C MET C 218 21.93 33.99 1.15
N ARG C 219 22.62 35.07 1.56
CA ARG C 219 23.69 35.66 0.77
C ARG C 219 24.56 36.54 1.65
N HIS C 220 25.71 36.91 1.12
CA HIS C 220 26.57 37.86 1.80
C HIS C 220 26.07 39.28 1.60
N VAL C 221 26.50 40.18 2.47
CA VAL C 221 26.17 41.59 2.31
C VAL C 221 27.50 42.33 2.19
N ASN C 222 28.47 41.71 1.53
CA ASN C 222 29.77 42.33 1.31
C ASN C 222 30.21 42.09 -0.12
N GLU C 223 31.15 42.89 -0.57
CA GLU C 223 31.78 42.69 -1.87
C GLU C 223 33.24 42.32 -1.66
N ALA C 224 33.70 41.34 -2.42
CA ALA C 224 35.04 40.81 -2.23
C ALA C 224 36.09 41.80 -2.69
N GLY C 225 37.15 41.93 -1.91
CA GLY C 225 38.16 42.90 -2.24
C GLY C 225 39.41 42.32 -2.87
N GLN C 226 39.95 41.27 -2.27
CA GLN C 226 41.14 40.63 -2.83
C GLN C 226 41.08 39.11 -2.83
N GLY C 227 40.15 38.49 -2.11
CA GLY C 227 40.04 37.06 -2.07
C GLY C 227 38.62 36.63 -1.82
N PRO C 228 38.16 35.61 -2.55
CA PRO C 228 36.80 35.11 -2.34
C PRO C 228 36.70 34.34 -1.04
N ILE C 229 35.47 34.23 -0.54
CA ILE C 229 35.16 33.47 0.67
C ILE C 229 33.91 32.65 0.40
N LYS C 230 34.01 31.34 0.51
CA LYS C 230 32.82 30.51 0.50
C LYS C 230 32.38 30.25 1.93
N SER C 231 31.11 29.89 2.08
CA SER C 231 30.54 29.73 3.41
C SER C 231 29.52 28.61 3.37
N THR C 232 29.38 27.91 4.49
CA THR C 232 28.41 26.85 4.63
C THR C 232 27.34 27.26 5.62
N VAL C 233 26.28 26.47 5.67
CA VAL C 233 25.16 26.72 6.58
C VAL C 233 24.48 25.41 6.90
N ARG C 234 24.16 25.19 8.18
CA ARG C 234 23.48 23.98 8.62
C ARG C 234 22.20 24.39 9.32
N ILE C 235 21.09 24.34 8.61
CA ILE C 235 19.82 24.80 9.15
C ILE C 235 19.25 23.75 10.08
N TYR C 236 18.96 24.14 11.31
CA TYR C 236 18.33 23.23 12.26
C TYR C 236 16.84 23.47 12.29
N PHE C 237 16.14 22.69 13.13
CA PHE C 237 14.71 22.52 12.97
C PHE C 237 14.13 21.99 14.27
N LYS C 238 13.09 22.62 14.79
CA LYS C 238 12.58 22.21 16.08
C LYS C 238 11.10 22.54 16.23
N PRO C 239 10.22 21.56 16.17
CA PRO C 239 8.80 21.84 16.40
C PRO C 239 8.53 22.16 17.86
N LYS C 240 7.52 22.98 18.09
CA LYS C 240 7.14 23.38 19.43
C LYS C 240 5.63 23.35 19.56
N HIS C 241 5.15 22.88 20.71
CA HIS C 241 3.73 22.76 21.05
C HIS C 241 2.99 21.91 20.01
N VAL C 242 3.39 20.66 19.93
CA VAL C 242 2.87 19.78 18.91
C VAL C 242 1.57 19.14 19.37
N LYS C 243 0.60 19.08 18.47
CA LYS C 243 -0.62 18.29 18.67
C LYS C 243 -0.77 17.36 17.48
N ALA C 244 -1.06 16.09 17.76
CA ALA C 244 -1.18 15.11 16.69
C ALA C 244 -2.60 14.59 16.63
N TRP C 245 -2.92 13.94 15.51
CA TRP C 245 -4.26 13.40 15.29
C TRP C 245 -4.16 12.19 14.39
N VAL C 246 -5.10 11.25 14.59
CA VAL C 246 -5.37 10.04 13.81
C VAL C 246 -4.11 9.29 13.39
N PRO C 247 -3.55 8.48 14.30
CA PRO C 247 -2.26 7.84 14.04
C PRO C 247 -2.31 6.82 12.93
N ARG C 248 -1.13 6.46 12.46
CA ARG C 248 -0.92 5.63 11.28
C ARG C 248 0.06 4.51 11.63
N PRO C 249 0.05 3.40 10.88
CA PRO C 249 1.06 2.38 11.14
C PRO C 249 2.38 2.78 10.54
N PRO C 250 3.50 2.37 11.13
CA PRO C 250 4.81 2.88 10.71
C PRO C 250 5.23 2.32 9.37
N ARG C 251 5.85 3.18 8.57
CA ARG C 251 6.18 2.84 7.20
C ARG C 251 7.28 1.79 7.15
N LEU C 252 7.02 0.71 6.44
CA LEU C 252 7.91 -0.44 6.43
C LEU C 252 8.90 -0.39 5.27
N CYS C 253 8.41 -0.18 4.06
CA CYS C 253 9.30 -0.16 2.90
C CYS C 253 10.14 1.11 2.89
N GLN C 254 11.26 1.03 2.19
CA GLN C 254 12.20 2.13 2.15
C GLN C 254 11.64 3.32 1.37
N TYR C 255 12.23 4.48 1.57
CA TYR C 255 11.82 5.67 0.86
C TYR C 255 12.52 5.72 -0.49
N GLU C 256 11.81 6.24 -1.49
CA GLU C 256 12.37 6.33 -2.83
C GLU C 256 12.51 7.78 -3.31
N LYS C 257 11.42 8.53 -3.33
CA LYS C 257 11.45 9.90 -3.82
C LYS C 257 10.92 10.84 -2.75
N GLN C 258 11.47 12.05 -2.75
CA GLN C 258 11.19 13.00 -1.68
C GLN C 258 9.80 13.58 -1.78
N LYS C 259 9.29 13.77 -2.99
CA LYS C 259 8.05 14.51 -3.17
C LYS C 259 6.82 13.67 -2.88
N ASN C 260 6.89 12.36 -3.06
CA ASN C 260 5.70 11.53 -2.97
C ASN C 260 5.95 10.31 -2.07
N VAL C 261 5.03 9.36 -2.15
CA VAL C 261 4.94 8.25 -1.22
C VAL C 261 5.25 6.93 -1.93
N ASN C 262 5.88 6.99 -3.10
CA ASN C 262 6.16 5.81 -3.89
C ASN C 262 7.14 4.89 -3.18
N PHE C 263 7.11 3.61 -3.57
CA PHE C 263 7.87 2.58 -2.88
C PHE C 263 7.97 1.37 -3.78
N SER C 264 8.84 0.46 -3.39
CA SER C 264 8.99 -0.84 -3.98
C SER C 264 8.50 -1.90 -3.00
N PRO C 265 7.90 -2.99 -3.48
CA PRO C 265 7.37 -3.99 -2.56
C PRO C 265 8.49 -4.80 -1.92
N ILE C 266 8.34 -5.07 -0.63
CA ILE C 266 9.36 -5.75 0.15
C ILE C 266 8.66 -6.72 1.09
N GLY C 267 9.44 -7.67 1.62
CA GLY C 267 8.90 -8.66 2.53
C GLY C 267 8.50 -8.06 3.86
N VAL C 268 7.84 -8.89 4.67
CA VAL C 268 7.29 -8.40 5.92
C VAL C 268 8.35 -8.38 7.01
N THR C 269 9.06 -9.49 7.20
CA THR C 269 9.95 -9.63 8.34
C THR C 269 11.10 -10.54 7.93
N THR C 270 12.31 -10.21 8.40
CA THR C 270 13.49 -11.05 8.18
C THR C 270 13.23 -12.47 8.69
N SER C 271 13.50 -13.44 7.83
CA SER C 271 13.02 -14.79 7.99
C SER C 271 13.82 -15.55 9.05
N ARG C 272 13.27 -16.70 9.42
CA ARG C 272 13.96 -17.72 10.21
C ARG C 272 13.88 -19.03 9.45
N THR C 273 14.37 -20.10 10.06
CA THR C 273 14.58 -21.32 9.29
C THR C 273 13.29 -22.12 9.10
N ASP C 274 12.43 -22.17 10.11
CA ASP C 274 11.17 -22.88 10.00
C ASP C 274 10.21 -22.33 11.05
N ILE C 275 9.12 -23.05 11.27
CA ILE C 275 8.10 -22.55 12.19
C ILE C 275 8.47 -22.85 13.64
N ILE C 276 9.14 -23.96 13.89
CA ILE C 276 9.48 -24.34 15.25
C ILE C 276 10.94 -24.09 15.55
N ARG D 14 -33.96 -4.29 14.25
CA ARG D 14 -34.18 -5.03 13.01
C ARG D 14 -35.07 -4.23 12.08
N SER D 15 -34.80 -4.38 10.78
CA SER D 15 -35.55 -3.77 9.67
C SER D 15 -35.61 -2.25 9.82
N ILE D 16 -34.44 -1.63 9.80
CA ILE D 16 -34.36 -0.17 9.86
C ILE D 16 -34.62 0.39 8.47
N THR D 17 -35.22 1.56 8.42
CA THR D 17 -35.61 2.18 7.16
C THR D 17 -35.17 3.63 7.10
N LEU D 18 -34.88 4.08 5.88
CA LEU D 18 -34.49 5.46 5.64
C LEU D 18 -34.98 5.85 4.27
N GLY D 19 -35.87 6.84 4.20
CA GLY D 19 -36.39 7.27 2.92
C GLY D 19 -37.31 6.24 2.31
N ASN D 20 -36.81 5.53 1.30
CA ASN D 20 -37.57 4.49 0.61
C ASN D 20 -36.74 3.24 0.44
N SER D 21 -36.05 2.82 1.50
CA SER D 21 -35.26 1.61 1.46
C SER D 21 -35.26 0.97 2.84
N THR D 22 -35.18 -0.35 2.87
CA THR D 22 -35.29 -1.11 4.11
C THR D 22 -34.21 -2.17 4.16
N ILE D 23 -33.43 -2.17 5.23
CA ILE D 23 -32.38 -3.16 5.48
C ILE D 23 -32.64 -3.81 6.83
N THR D 24 -32.60 -5.14 6.86
CA THR D 24 -32.90 -5.90 8.07
C THR D 24 -31.63 -6.43 8.70
N THR D 25 -31.37 -6.03 9.95
CA THR D 25 -30.22 -6.51 10.70
C THR D 25 -30.64 -7.20 11.99
N GLN D 26 -29.68 -7.52 12.86
CA GLN D 26 -30.01 -8.10 14.16
C GLN D 26 -30.18 -7.04 15.23
N ASN D 30 -23.67 -5.95 16.42
CA ASN D 30 -22.62 -5.19 17.09
C ASN D 30 -22.11 -4.06 16.22
N VAL D 31 -21.69 -2.96 16.85
CA VAL D 31 -21.23 -1.78 16.14
C VAL D 31 -19.92 -1.32 16.75
N VAL D 32 -19.07 -0.74 15.92
CA VAL D 32 -17.83 -0.13 16.36
C VAL D 32 -17.73 1.25 15.74
N VAL D 33 -17.68 2.28 16.57
CA VAL D 33 -17.89 3.66 16.14
C VAL D 33 -16.56 4.40 16.17
N GLY D 34 -16.19 4.95 15.01
CA GLY D 34 -15.19 5.98 14.79
C GLY D 34 -13.94 6.01 15.64
N TYR D 35 -13.66 7.18 16.21
CA TYR D 35 -12.60 7.34 17.19
C TYR D 35 -13.17 7.73 18.54
N GLY D 36 -14.41 7.33 18.81
CA GLY D 36 -15.07 7.63 20.06
C GLY D 36 -16.17 8.65 19.94
N VAL D 37 -16.29 9.33 18.81
CA VAL D 37 -17.27 10.39 18.65
C VAL D 37 -18.37 9.93 17.70
N TRP D 38 -19.49 10.60 17.79
CA TRP D 38 -20.66 10.37 16.96
C TRP D 38 -20.74 11.45 15.90
N PRO D 39 -21.11 11.10 14.65
CA PRO D 39 -21.24 12.08 13.57
C PRO D 39 -22.37 13.08 13.78
N VAL D 58 -33.10 16.37 0.72
CA VAL D 58 -33.46 15.68 1.96
C VAL D 58 -33.74 14.22 1.61
N ALA D 59 -33.82 13.93 0.32
CA ALA D 59 -34.02 12.57 -0.16
C ALA D 59 -32.72 11.79 -0.31
N THR D 60 -31.63 12.27 0.30
CA THR D 60 -30.36 11.58 0.16
C THR D 60 -30.19 10.52 1.24
N CYS D 61 -30.97 10.59 2.32
CA CYS D 61 -30.83 9.66 3.42
C CYS D 61 -31.49 8.34 3.05
N ARG D 62 -30.76 7.54 2.28
CA ARG D 62 -31.23 6.23 1.89
C ARG D 62 -30.05 5.29 1.74
N PHE D 63 -30.30 4.02 2.03
CA PHE D 63 -29.25 3.01 2.05
C PHE D 63 -28.86 2.67 0.63
N TYR D 64 -27.79 3.27 0.15
CA TYR D 64 -27.25 2.87 -1.14
C TYR D 64 -26.60 1.50 -1.02
N THR D 65 -26.60 0.76 -2.12
CA THR D 65 -26.08 -0.61 -2.11
C THR D 65 -25.23 -0.80 -3.35
N LEU D 66 -23.92 -0.93 -3.16
CA LEU D 66 -23.06 -1.26 -4.28
C LEU D 66 -23.32 -2.71 -4.68
N GLU D 67 -23.04 -3.00 -5.94
CA GLU D 67 -23.28 -4.35 -6.44
C GLU D 67 -22.23 -5.30 -5.89
N SER D 68 -22.70 -6.46 -5.44
CA SER D 68 -21.90 -7.36 -4.63
C SER D 68 -20.80 -8.03 -5.44
N VAL D 69 -19.69 -8.28 -4.77
CA VAL D 69 -18.56 -8.96 -5.38
C VAL D 69 -18.48 -10.39 -4.86
N GLN D 70 -17.73 -11.22 -5.56
CA GLN D 70 -17.67 -12.65 -5.27
C GLN D 70 -16.32 -12.97 -4.64
N TRP D 71 -16.36 -13.63 -3.50
CA TRP D 71 -15.16 -14.04 -2.78
C TRP D 71 -14.87 -15.48 -3.17
N MET D 72 -13.75 -15.69 -3.86
CA MET D 72 -13.35 -17.01 -4.28
C MET D 72 -12.21 -17.50 -3.39
N LYS D 73 -11.63 -18.65 -3.76
CA LYS D 73 -10.47 -19.15 -3.03
C LYS D 73 -9.27 -18.24 -3.22
N ASN D 74 -8.93 -17.96 -4.47
CA ASN D 74 -7.71 -17.24 -4.82
C ASN D 74 -7.92 -15.73 -4.89
N SER D 75 -8.57 -15.17 -3.89
CA SER D 75 -8.86 -13.75 -3.88
C SER D 75 -7.82 -13.00 -3.08
N ALA D 76 -7.77 -11.71 -3.28
CA ALA D 76 -6.74 -10.93 -2.62
C ALA D 76 -7.28 -9.75 -1.84
N GLY D 77 -8.31 -9.10 -2.33
CA GLY D 77 -8.89 -7.98 -1.61
C GLY D 77 -9.50 -6.97 -2.55
N TRP D 78 -10.34 -6.12 -1.98
CA TRP D 78 -11.03 -5.09 -2.76
C TRP D 78 -11.00 -3.79 -1.99
N TRP D 79 -11.16 -2.68 -2.72
CA TRP D 79 -11.22 -1.38 -2.06
C TRP D 79 -12.09 -0.42 -2.85
N TRP D 80 -12.79 0.44 -2.12
CA TRP D 80 -13.60 1.50 -2.71
C TRP D 80 -13.17 2.83 -2.11
N LYS D 81 -13.02 3.85 -2.94
CA LYS D 81 -12.89 5.21 -2.44
C LYS D 81 -14.26 5.70 -2.06
N LEU D 82 -14.38 6.37 -0.92
CA LEU D 82 -15.73 6.52 -0.41
C LEU D 82 -16.56 7.63 -1.05
N PRO D 83 -16.16 8.93 -1.06
CA PRO D 83 -17.07 9.90 -1.68
C PRO D 83 -16.86 10.03 -3.18
N ASP D 84 -16.66 8.90 -3.85
CA ASP D 84 -16.55 8.87 -5.30
C ASP D 84 -17.46 7.76 -5.78
N ALA D 85 -17.61 6.72 -4.97
CA ALA D 85 -18.48 5.62 -5.34
C ALA D 85 -19.94 6.01 -5.21
N LEU D 86 -20.24 6.98 -4.35
CA LEU D 86 -21.61 7.46 -4.25
C LEU D 86 -21.94 8.44 -5.37
N SER D 87 -20.93 9.16 -5.87
CA SER D 87 -21.21 10.34 -6.66
C SER D 87 -21.62 10.00 -8.08
N GLN D 88 -21.12 8.88 -8.62
CA GLN D 88 -21.37 8.60 -10.02
C GLN D 88 -22.74 7.98 -10.25
N MET D 89 -23.46 7.68 -9.19
CA MET D 89 -24.71 6.95 -9.34
C MET D 89 -25.91 7.56 -8.64
N GLY D 90 -25.76 8.13 -7.46
CA GLY D 90 -26.91 8.48 -6.66
C GLY D 90 -27.39 9.90 -6.86
N LEU D 91 -28.55 10.20 -6.28
CA LEU D 91 -29.01 11.57 -6.16
C LEU D 91 -28.14 12.35 -5.19
N PHE D 92 -27.46 11.63 -4.30
CA PHE D 92 -26.36 12.23 -3.54
C PHE D 92 -25.30 12.75 -4.48
N GLY D 93 -25.05 12.03 -5.58
CA GLY D 93 -24.17 12.55 -6.61
C GLY D 93 -24.79 13.68 -7.40
N GLN D 94 -26.13 13.69 -7.48
CA GLN D 94 -26.81 14.82 -8.10
C GLN D 94 -26.69 16.06 -7.22
N ASN D 95 -26.58 15.85 -5.90
CA ASN D 95 -26.27 16.95 -4.99
C ASN D 95 -24.81 17.36 -5.13
N MET D 96 -23.97 16.45 -5.60
CA MET D 96 -22.55 16.75 -5.71
C MET D 96 -22.25 17.65 -6.90
N GLN D 97 -22.91 17.42 -8.03
CA GLN D 97 -22.59 18.16 -9.25
C GLN D 97 -23.15 19.57 -9.21
N TYR D 98 -24.27 19.76 -8.51
CA TYR D 98 -24.74 21.11 -8.25
C TYR D 98 -23.90 21.77 -7.17
N HIS D 99 -23.72 21.07 -6.05
CA HIS D 99 -23.05 21.62 -4.88
C HIS D 99 -21.79 20.83 -4.65
N TYR D 100 -20.64 21.44 -4.96
CA TYR D 100 -19.35 20.78 -4.80
C TYR D 100 -19.06 20.50 -3.33
N LEU D 101 -18.88 21.56 -2.55
CA LEU D 101 -18.30 21.48 -1.22
C LEU D 101 -19.37 21.02 -0.25
N GLY D 102 -19.01 20.09 0.63
CA GLY D 102 -19.98 19.55 1.58
C GLY D 102 -19.31 18.95 2.80
N ARG D 103 -20.13 18.64 3.80
CA ARG D 103 -19.73 17.89 4.98
C ARG D 103 -20.64 16.67 5.07
N THR D 104 -20.05 15.50 5.25
CA THR D 104 -20.83 14.27 5.30
C THR D 104 -20.32 13.40 6.44
N GLY D 105 -21.17 12.46 6.86
CA GLY D 105 -20.81 11.49 7.86
C GLY D 105 -21.43 10.14 7.56
N TYR D 106 -20.61 9.10 7.44
CA TYR D 106 -21.04 7.84 6.84
C TYR D 106 -21.34 6.79 7.89
N THR D 107 -22.03 5.76 7.44
CA THR D 107 -22.11 4.50 8.18
C THR D 107 -22.17 3.38 7.16
N ILE D 108 -21.47 2.29 7.44
CA ILE D 108 -21.22 1.24 6.46
C ILE D 108 -21.64 -0.10 7.05
N HIS D 109 -22.49 -0.82 6.33
CA HIS D 109 -22.81 -2.20 6.66
C HIS D 109 -22.11 -3.10 5.65
N VAL D 110 -21.46 -4.15 6.14
CA VAL D 110 -20.86 -5.17 5.30
C VAL D 110 -21.31 -6.51 5.85
N GLN D 111 -21.95 -7.32 5.01
CA GLN D 111 -22.33 -8.65 5.43
C GLN D 111 -22.17 -9.61 4.28
N CYS D 112 -21.67 -10.80 4.59
CA CYS D 112 -21.57 -11.89 3.64
C CYS D 112 -22.35 -13.06 4.18
N ASN D 113 -23.15 -13.69 3.34
CA ASN D 113 -23.95 -14.83 3.76
C ASN D 113 -23.29 -16.11 3.27
N ALA D 114 -23.00 -17.00 4.20
CA ALA D 114 -22.45 -18.30 3.88
C ALA D 114 -23.01 -19.31 4.86
N SER D 115 -23.03 -20.57 4.43
CA SER D 115 -23.54 -21.63 5.29
C SER D 115 -22.49 -21.98 6.35
N LYS D 116 -22.82 -22.96 7.18
CA LYS D 116 -21.93 -23.36 8.25
C LYS D 116 -20.74 -24.16 7.75
N PHE D 117 -20.71 -24.53 6.48
CA PHE D 117 -19.68 -25.42 5.96
C PHE D 117 -18.51 -24.67 5.35
N HIS D 118 -18.59 -23.35 5.21
CA HIS D 118 -17.48 -22.59 4.70
C HIS D 118 -16.61 -22.08 5.85
N GLN D 119 -15.35 -21.81 5.54
CA GLN D 119 -14.43 -21.31 6.55
C GLN D 119 -13.54 -20.24 5.92
N GLY D 120 -13.12 -19.30 6.75
CA GLY D 120 -12.29 -18.20 6.29
C GLY D 120 -12.51 -16.99 7.14
N CYS D 121 -11.65 -16.00 6.95
CA CYS D 121 -11.67 -14.81 7.79
C CYS D 121 -11.39 -13.57 6.97
N LEU D 122 -12.15 -12.52 7.22
CA LEU D 122 -12.01 -11.25 6.52
C LEU D 122 -11.47 -10.20 7.48
N LEU D 123 -11.15 -9.05 6.92
CA LEU D 123 -10.78 -7.87 7.70
C LEU D 123 -11.43 -6.67 7.05
N VAL D 124 -12.36 -6.04 7.74
CA VAL D 124 -13.03 -4.85 7.22
C VAL D 124 -12.43 -3.66 7.95
N VAL D 125 -11.77 -2.79 7.22
CA VAL D 125 -11.12 -1.62 7.79
C VAL D 125 -11.48 -0.43 6.93
N CYS D 126 -11.45 0.77 7.51
CA CYS D 126 -11.85 1.99 6.82
C CYS D 126 -10.77 3.03 7.06
N VAL D 127 -9.79 3.09 6.18
CA VAL D 127 -8.63 3.95 6.37
C VAL D 127 -8.90 5.36 5.87
N PRO D 128 -8.60 6.39 6.65
CA PRO D 128 -8.68 7.76 6.14
C PRO D 128 -7.38 8.22 5.52
N GLU D 129 -7.51 8.96 4.41
CA GLU D 129 -6.41 9.52 3.63
C GLU D 129 -5.45 8.43 3.15
N ALA D 130 -5.95 7.57 2.29
CA ALA D 130 -5.15 6.47 1.75
C ALA D 130 -4.44 6.99 0.52
N GLU D 131 -3.18 7.40 0.68
CA GLU D 131 -2.41 7.93 -0.43
C GLU D 131 -1.61 6.79 -1.05
N MET D 132 -2.19 6.14 -2.05
CA MET D 132 -1.54 4.97 -2.63
C MET D 132 -0.39 5.37 -3.53
N GLY D 133 0.48 4.41 -3.81
CA GLY D 133 1.71 4.66 -4.54
C GLY D 133 1.66 4.05 -5.93
N CYS D 134 2.42 4.64 -6.85
CA CYS D 134 2.38 4.17 -8.22
C CYS D 134 3.35 3.03 -8.43
N SER D 135 3.08 2.24 -9.48
CA SER D 135 3.98 1.14 -9.83
C SER D 135 5.25 1.67 -10.45
N ASN D 136 5.13 2.64 -11.35
CA ASN D 136 6.29 3.32 -11.88
C ASN D 136 6.87 4.24 -10.82
N LEU D 137 8.19 4.25 -10.70
CA LEU D 137 8.81 4.88 -9.53
C LEU D 137 8.79 6.39 -9.59
N ASN D 138 8.62 6.98 -10.78
CA ASN D 138 8.74 8.42 -10.92
C ASN D 138 7.42 9.16 -11.08
N ASN D 139 6.33 8.46 -11.35
CA ASN D 139 5.05 9.10 -11.58
C ASN D 139 4.09 8.80 -10.45
N THR D 140 2.89 9.30 -10.59
CA THR D 140 1.73 9.10 -9.77
C THR D 140 0.65 8.38 -10.58
N PRO D 141 -0.22 7.59 -9.96
CA PRO D 141 -1.22 6.87 -10.74
C PRO D 141 -2.29 7.79 -11.28
N GLU D 142 -2.89 7.39 -12.40
CA GLU D 142 -3.93 8.18 -13.01
C GLU D 142 -5.24 7.97 -12.27
N PHE D 143 -6.29 8.66 -12.73
CA PHE D 143 -7.52 8.70 -11.96
C PHE D 143 -8.28 7.39 -12.03
N SER D 144 -8.36 6.80 -13.22
CA SER D 144 -9.21 5.62 -13.39
C SER D 144 -8.62 4.37 -12.77
N GLU D 145 -7.38 4.41 -12.29
CA GLU D 145 -6.83 3.27 -11.59
C GLU D 145 -6.96 3.38 -10.09
N LEU D 146 -7.16 4.57 -9.55
CA LEU D 146 -7.34 4.69 -8.11
C LEU D 146 -8.75 4.42 -7.66
N SER D 147 -9.74 4.61 -8.53
CA SER D 147 -11.12 4.56 -8.10
C SER D 147 -12.02 4.24 -9.27
N GLY D 148 -12.58 3.04 -9.28
CA GLY D 148 -13.66 2.73 -10.17
C GLY D 148 -14.94 3.35 -9.61
N GLY D 149 -15.73 3.95 -10.49
CA GLY D 149 -17.00 4.51 -10.08
C GLY D 149 -17.94 3.40 -9.66
N ASP D 150 -18.21 3.31 -8.35
CA ASP D 150 -18.98 2.29 -7.64
C ASP D 150 -18.71 0.85 -8.09
N SER D 151 -17.49 0.58 -8.53
CA SER D 151 -17.08 -0.76 -8.94
C SER D 151 -15.77 -1.05 -8.23
N ALA D 152 -15.66 -2.23 -7.65
CA ALA D 152 -14.57 -2.53 -6.75
C ALA D 152 -13.27 -2.72 -7.52
N ARG D 153 -12.27 -1.91 -7.20
CA ARG D 153 -10.92 -2.22 -7.64
C ARG D 153 -10.37 -3.37 -6.81
N MET D 154 -9.56 -4.21 -7.44
CA MET D 154 -9.14 -5.45 -6.81
C MET D 154 -7.64 -5.45 -6.55
N PHE D 155 -7.25 -6.07 -5.45
CA PHE D 155 -5.85 -6.26 -5.13
C PHE D 155 -5.28 -7.45 -5.91
N THR D 156 -3.99 -7.69 -5.70
CA THR D 156 -3.35 -8.89 -6.20
C THR D 156 -2.22 -9.28 -5.27
N ASP D 157 -1.74 -10.51 -5.43
CA ASP D 157 -0.72 -11.06 -4.54
C ASP D 157 0.63 -11.19 -5.22
N THR D 158 0.84 -10.51 -6.33
CA THR D 158 2.15 -10.41 -6.96
C THR D 158 2.57 -8.95 -6.98
N GLN D 159 3.71 -8.68 -7.58
CA GLN D 159 4.00 -7.31 -7.96
C GLN D 159 3.32 -7.00 -9.27
N VAL D 160 3.49 -5.77 -9.72
CA VAL D 160 2.94 -5.34 -10.99
C VAL D 160 4.08 -4.76 -11.83
N GLY D 161 3.79 -4.60 -13.12
CA GLY D 161 4.78 -4.05 -14.01
C GLY D 161 4.98 -2.56 -13.80
N GLU D 162 6.14 -2.07 -14.20
CA GLU D 162 6.49 -0.68 -13.92
C GLU D 162 6.55 0.19 -15.15
N SER D 163 6.95 -0.34 -16.29
CA SER D 163 7.24 0.48 -17.46
C SER D 163 6.02 0.74 -18.32
N ASN D 164 4.85 0.31 -17.87
CA ASN D 164 3.68 0.28 -18.72
C ASN D 164 2.90 1.58 -18.76
N ALA D 165 2.27 1.96 -17.65
CA ALA D 165 1.44 3.14 -17.58
C ALA D 165 1.30 3.51 -16.12
N LYS D 166 0.39 4.44 -15.80
CA LYS D 166 0.22 4.84 -14.42
C LYS D 166 -0.69 3.82 -13.75
N LYS D 167 -0.09 2.83 -13.09
CA LYS D 167 -0.85 1.78 -12.44
C LYS D 167 -0.52 1.77 -10.96
N VAL D 168 -1.51 1.41 -10.16
CA VAL D 168 -1.35 1.40 -8.72
C VAL D 168 -0.54 0.18 -8.32
N GLN D 169 0.50 0.39 -7.52
CA GLN D 169 1.28 -0.72 -6.97
C GLN D 169 0.41 -1.46 -5.97
N THR D 170 -0.05 -2.64 -6.35
CA THR D 170 -1.12 -3.30 -5.61
C THR D 170 -0.71 -4.68 -5.09
N ALA D 171 0.54 -4.82 -4.67
CA ALA D 171 0.91 -6.02 -3.93
C ALA D 171 0.28 -5.98 -2.55
N VAL D 172 -0.39 -7.07 -2.17
CA VAL D 172 -1.32 -7.00 -1.06
C VAL D 172 -0.60 -6.94 0.29
N TRP D 173 0.56 -7.59 0.42
CA TRP D 173 1.20 -7.65 1.73
C TRP D 173 1.85 -6.33 2.12
N ASN D 174 1.98 -5.38 1.20
CA ASN D 174 2.32 -4.02 1.56
C ASN D 174 1.13 -3.09 1.52
N ALA D 175 -0.04 -3.59 1.13
CA ALA D 175 -1.34 -2.92 1.22
C ALA D 175 -1.40 -1.62 0.46
N GLY D 176 -0.57 -1.45 -0.57
CA GLY D 176 -0.63 -0.28 -1.41
C GLY D 176 -0.03 0.99 -0.86
N MET D 177 0.11 1.12 0.46
CA MET D 177 0.66 2.33 1.05
C MET D 177 2.07 2.14 1.57
N GLY D 178 2.73 1.05 1.20
CA GLY D 178 4.08 0.79 1.67
C GLY D 178 4.17 0.42 3.13
N VAL D 179 3.07 0.04 3.75
CA VAL D 179 3.05 -0.23 5.18
C VAL D 179 2.85 -1.72 5.36
N GLY D 180 3.25 -2.22 6.53
CA GLY D 180 3.02 -3.63 6.83
C GLY D 180 1.55 -3.90 7.02
N VAL D 181 1.05 -4.95 6.37
CA VAL D 181 -0.38 -5.22 6.38
C VAL D 181 -0.83 -5.77 7.72
N GLY D 182 0.09 -6.28 8.53
CA GLY D 182 -0.28 -6.74 9.85
C GLY D 182 -0.59 -5.62 10.82
N ASN D 183 -0.06 -4.43 10.58
CA ASN D 183 -0.30 -3.31 11.47
C ASN D 183 -1.51 -2.49 11.08
N LEU D 184 -2.39 -3.02 10.24
CA LEU D 184 -3.46 -2.20 9.72
C LEU D 184 -4.62 -2.04 10.69
N THR D 185 -4.57 -2.67 11.86
CA THR D 185 -5.70 -2.62 12.77
C THR D 185 -5.70 -1.40 13.67
N ILE D 186 -4.80 -0.46 13.45
CA ILE D 186 -4.83 0.77 14.24
C ILE D 186 -5.95 1.68 13.75
N PHE D 187 -6.35 1.53 12.50
CA PHE D 187 -7.53 2.21 11.99
C PHE D 187 -8.79 1.54 12.53
N PRO D 188 -9.95 2.19 12.46
CA PRO D 188 -11.18 1.54 12.92
C PRO D 188 -11.52 0.34 12.05
N HIS D 189 -11.62 -0.81 12.69
CA HIS D 189 -11.72 -2.08 11.98
C HIS D 189 -12.66 -3.00 12.72
N GLN D 190 -12.98 -4.12 12.06
CA GLN D 190 -13.90 -5.10 12.59
C GLN D 190 -13.66 -6.42 11.89
N TRP D 191 -13.43 -7.48 12.66
CA TRP D 191 -13.13 -8.76 12.06
C TRP D 191 -14.40 -9.49 11.67
N ILE D 192 -14.45 -9.96 10.43
CA ILE D 192 -15.49 -10.88 10.01
C ILE D 192 -14.85 -12.25 9.95
N ASN D 193 -15.34 -13.16 10.76
CA ASN D 193 -14.87 -14.53 10.80
C ASN D 193 -16.08 -15.43 10.66
N LEU D 194 -16.08 -16.24 9.60
CA LEU D 194 -17.26 -17.01 9.22
C LEU D 194 -17.58 -18.15 10.18
N ARG D 195 -16.71 -18.43 11.14
CA ARG D 195 -17.01 -19.45 12.14
C ARG D 195 -18.13 -18.99 13.06
N THR D 196 -17.99 -17.81 13.66
CA THR D 196 -19.00 -17.30 14.57
C THR D 196 -19.70 -16.06 14.04
N ASN D 197 -18.96 -15.01 13.71
CA ASN D 197 -19.55 -13.75 13.28
C ASN D 197 -20.07 -13.87 11.85
N ASN D 198 -20.86 -12.88 11.44
CA ASN D 198 -21.37 -12.92 10.07
C ASN D 198 -21.28 -11.58 9.35
N SER D 199 -21.30 -10.48 10.09
CA SER D 199 -21.43 -9.17 9.49
C SER D 199 -20.52 -8.18 10.20
N ALA D 200 -20.56 -6.93 9.73
CA ALA D 200 -19.73 -5.88 10.30
C ALA D 200 -20.36 -4.54 9.97
N THR D 201 -20.53 -3.70 10.99
CA THR D 201 -21.09 -2.36 10.83
C THR D 201 -20.10 -1.34 11.36
N LEU D 202 -19.82 -0.32 10.56
CA LEU D 202 -18.92 0.75 10.95
C LEU D 202 -19.64 2.08 10.93
N VAL D 203 -19.16 3.02 11.74
CA VAL D 203 -19.64 4.39 11.75
C VAL D 203 -18.42 5.30 11.73
N MET D 204 -18.33 6.17 10.72
CA MET D 204 -17.16 7.00 10.56
C MET D 204 -17.54 8.46 10.61
N PRO D 205 -16.93 9.26 11.47
CA PRO D 205 -17.21 10.70 11.48
C PRO D 205 -16.39 11.41 10.42
N TYR D 206 -16.66 12.70 10.28
CA TYR D 206 -15.99 13.49 9.26
C TYR D 206 -14.59 13.87 9.69
N ILE D 207 -13.59 13.35 8.99
CA ILE D 207 -12.20 13.56 9.35
C ILE D 207 -11.49 14.34 8.26
N ASN D 208 -11.39 15.65 8.42
CA ASN D 208 -10.67 16.46 7.45
C ASN D 208 -10.11 17.69 8.12
N SER D 209 -9.05 18.22 7.54
CA SER D 209 -8.40 19.41 8.09
C SER D 209 -9.24 20.65 7.84
N VAL D 210 -9.49 20.97 6.57
CA VAL D 210 -10.35 22.09 6.23
C VAL D 210 -11.79 21.72 6.58
N PRO D 211 -12.59 22.63 7.14
CA PRO D 211 -13.98 22.27 7.43
C PRO D 211 -14.85 22.17 6.18
N MET D 212 -14.43 22.70 5.06
CA MET D 212 -15.21 22.65 3.83
C MET D 212 -14.25 22.55 2.64
N ASP D 213 -14.23 21.39 1.99
CA ASP D 213 -13.32 21.15 0.89
C ASP D 213 -14.11 20.63 -0.31
N ASN D 214 -13.58 20.84 -1.51
CA ASN D 214 -14.28 20.41 -2.70
C ASN D 214 -14.20 18.91 -2.85
N MET D 215 -15.32 18.28 -3.18
CA MET D 215 -15.38 16.82 -3.15
C MET D 215 -14.88 16.22 -4.45
N PHE D 216 -14.71 17.03 -5.49
CA PHE D 216 -14.41 16.44 -6.79
C PHE D 216 -12.93 16.12 -6.92
N ARG D 217 -12.08 16.77 -6.15
CA ARG D 217 -10.66 16.55 -6.24
C ARG D 217 -10.06 15.94 -4.98
N HIS D 218 -10.88 15.33 -4.13
CA HIS D 218 -10.42 14.89 -2.83
C HIS D 218 -11.24 13.70 -2.38
N ASN D 219 -10.56 12.66 -1.89
CA ASN D 219 -11.22 11.45 -1.38
C ASN D 219 -10.68 11.20 0.01
N ASN D 220 -11.51 11.39 1.02
CA ASN D 220 -11.02 11.38 2.39
C ASN D 220 -11.06 10.01 3.04
N LEU D 221 -11.95 9.13 2.63
CA LEU D 221 -12.07 7.83 3.26
C LEU D 221 -11.78 6.74 2.24
N THR D 222 -11.48 5.55 2.73
CA THR D 222 -11.18 4.42 1.87
C THR D 222 -11.52 3.14 2.61
N LEU D 223 -12.41 2.35 2.04
CA LEU D 223 -12.86 1.12 2.66
C LEU D 223 -12.09 -0.04 2.06
N MET D 224 -11.41 -0.81 2.90
CA MET D 224 -10.61 -1.95 2.45
C MET D 224 -11.14 -3.22 3.06
N ILE D 225 -11.19 -4.28 2.26
CA ILE D 225 -11.58 -5.61 2.71
C ILE D 225 -10.51 -6.58 2.26
N ILE D 226 -9.78 -7.15 3.21
CA ILE D 226 -8.67 -8.05 2.92
C ILE D 226 -8.95 -9.39 3.56
N PRO D 227 -8.84 -10.49 2.83
CA PRO D 227 -8.98 -11.81 3.46
C PRO D 227 -7.66 -12.35 3.97
N PHE D 228 -7.57 -12.64 5.27
CA PHE D 228 -6.35 -13.25 5.80
C PHE D 228 -6.35 -14.76 5.60
N VAL D 229 -7.29 -15.45 6.23
CA VAL D 229 -7.44 -16.89 6.06
C VAL D 229 -8.32 -17.11 4.83
N PRO D 230 -7.82 -17.72 3.78
CA PRO D 230 -8.56 -17.78 2.53
C PRO D 230 -9.72 -18.76 2.63
N LEU D 231 -10.72 -18.54 1.77
CA LEU D 231 -11.95 -19.29 1.84
C LEU D 231 -11.73 -20.73 1.40
N ASN D 232 -12.13 -21.67 2.25
CA ASN D 232 -11.96 -23.08 1.92
C ASN D 232 -13.27 -23.80 2.17
N TYR D 233 -13.52 -24.83 1.36
CA TYR D 233 -14.76 -25.58 1.42
C TYR D 233 -14.50 -26.98 0.89
N SER D 234 -15.50 -27.83 1.03
CA SER D 234 -15.41 -29.18 0.50
C SER D 234 -16.06 -29.24 -0.88
N GLU D 235 -16.07 -30.42 -1.47
CA GLU D 235 -16.69 -30.63 -2.77
C GLU D 235 -18.18 -30.86 -2.58
N GLY D 236 -18.98 -30.09 -3.30
CA GLY D 236 -20.41 -30.20 -3.22
C GLY D 236 -21.06 -28.89 -2.86
N SER D 237 -20.37 -28.10 -2.06
CA SER D 237 -20.88 -26.79 -1.71
C SER D 237 -20.61 -25.79 -2.82
N SER D 238 -21.25 -24.64 -2.73
CA SER D 238 -21.09 -23.61 -3.74
C SER D 238 -19.71 -22.97 -3.59
N PRO D 239 -19.03 -22.68 -4.69
CA PRO D 239 -17.61 -22.29 -4.61
C PRO D 239 -17.35 -20.80 -4.43
N TYR D 240 -18.33 -19.97 -4.11
CA TYR D 240 -18.03 -18.59 -3.81
C TYR D 240 -19.04 -18.04 -2.82
N VAL D 241 -18.61 -17.04 -2.05
CA VAL D 241 -19.45 -16.38 -1.07
C VAL D 241 -19.61 -14.92 -1.49
N PRO D 242 -20.82 -14.43 -1.67
CA PRO D 242 -20.99 -13.03 -2.05
C PRO D 242 -20.86 -12.10 -0.86
N ILE D 243 -20.36 -10.90 -1.14
CA ILE D 243 -20.16 -9.87 -0.13
C ILE D 243 -20.88 -8.61 -0.59
N THR D 244 -21.84 -8.15 0.20
CA THR D 244 -22.61 -6.96 -0.12
C THR D 244 -22.15 -5.81 0.76
N VAL D 245 -22.07 -4.61 0.18
CA VAL D 245 -21.62 -3.43 0.87
C VAL D 245 -22.71 -2.39 0.83
N THR D 246 -23.16 -1.92 1.99
CA THR D 246 -24.24 -0.96 2.08
C THR D 246 -23.74 0.30 2.76
N ILE D 247 -23.81 1.42 2.05
CA ILE D 247 -23.36 2.71 2.54
C ILE D 247 -24.57 3.61 2.74
N ALA D 248 -24.57 4.37 3.81
CA ALA D 248 -25.68 5.27 4.03
C ALA D 248 -25.20 6.57 4.66
N PRO D 249 -25.19 7.68 3.93
CA PRO D 249 -24.70 8.93 4.51
C PRO D 249 -25.71 9.51 5.47
N MET D 250 -25.20 10.09 6.55
CA MET D 250 -26.02 10.72 7.55
C MET D 250 -25.56 12.15 7.78
N CYS D 251 -26.51 13.08 7.79
CA CYS D 251 -26.30 14.52 8.01
C CYS D 251 -25.34 15.11 6.97
N ALA D 252 -25.78 15.12 5.71
CA ALA D 252 -25.02 15.78 4.66
C ALA D 252 -25.39 17.26 4.59
N GLU D 253 -24.44 18.12 4.90
CA GLU D 253 -24.68 19.55 4.98
C GLU D 253 -24.22 20.21 3.70
N TYR D 254 -25.04 21.14 3.20
CA TYR D 254 -24.69 21.95 2.05
C TYR D 254 -25.24 23.36 2.22
N GLY E 1 25.37 51.67 34.24
CA GLY E 1 23.96 51.50 34.53
C GLY E 1 23.69 50.37 35.50
N LEU E 2 23.11 49.30 35.00
CA LEU E 2 22.94 48.10 35.82
C LEU E 2 24.13 47.16 35.56
N PRO E 3 24.75 46.63 36.60
CA PRO E 3 25.95 45.81 36.39
C PRO E 3 25.63 44.34 36.18
N VAL E 4 26.24 43.73 35.17
CA VAL E 4 26.06 42.31 34.89
C VAL E 4 27.41 41.62 34.88
N MET E 5 27.40 40.31 34.64
CA MET E 5 28.62 39.50 34.64
C MET E 5 28.31 38.25 33.85
N THR E 6 28.95 38.06 32.71
CA THR E 6 28.60 36.96 31.82
C THR E 6 29.21 35.65 32.32
N THR E 7 28.36 34.74 32.76
CA THR E 7 28.80 33.43 33.19
C THR E 7 29.30 32.62 31.99
N PRO E 8 30.16 31.63 32.22
CA PRO E 8 30.55 30.74 31.13
C PRO E 8 29.38 29.96 30.56
N GLY E 9 29.54 29.56 29.31
CA GLY E 9 28.43 29.01 28.58
C GLY E 9 27.48 30.12 28.20
N SER E 10 28.01 31.21 27.67
CA SER E 10 27.17 32.36 27.34
C SER E 10 26.72 32.34 25.89
N THR E 11 27.66 32.49 24.95
CA THR E 11 27.29 32.58 23.54
C THR E 11 27.36 31.23 22.84
N GLN E 12 26.78 30.21 23.45
CA GLN E 12 26.82 28.87 22.90
C GLN E 12 25.45 28.50 22.38
N PHE E 13 25.41 27.44 21.58
CA PHE E 13 24.16 26.96 20.98
C PHE E 13 24.00 25.51 21.39
N LEU E 14 23.20 25.27 22.41
CA LEU E 14 22.93 23.90 22.82
C LEU E 14 21.89 23.30 21.90
N THR E 15 22.08 22.04 21.55
CA THR E 15 21.21 21.41 20.56
C THR E 15 19.84 21.13 21.14
N SER E 16 19.77 20.76 22.41
CA SER E 16 18.52 20.44 23.07
C SER E 16 18.21 21.47 24.15
N ASP E 17 18.39 22.75 23.83
CA ASP E 17 18.17 23.82 24.78
C ASP E 17 16.69 24.12 24.93
N ASP E 18 16.40 25.17 25.70
CA ASP E 18 15.03 25.65 25.85
C ASP E 18 15.10 27.13 26.19
N PHE E 19 14.77 27.98 25.23
CA PHE E 19 14.73 29.41 25.44
C PHE E 19 13.58 29.99 24.64
N GLN E 20 13.34 31.28 24.82
CA GLN E 20 12.39 31.98 23.99
C GLN E 20 13.01 32.32 22.65
N SER E 21 12.24 33.00 21.81
CA SER E 21 12.68 33.31 20.47
C SER E 21 11.88 34.49 19.95
N PRO E 22 12.47 35.32 19.10
CA PRO E 22 11.68 36.36 18.45
C PRO E 22 10.85 35.76 17.32
N SER E 23 9.61 36.21 17.22
CA SER E 23 8.72 35.72 16.18
C SER E 23 9.08 36.36 14.85
N ALA E 24 9.05 35.55 13.79
CA ALA E 24 9.39 36.10 12.49
C ALA E 24 8.26 36.93 11.93
N MET E 25 7.01 36.48 12.10
CA MET E 25 5.85 37.18 11.56
C MET E 25 4.91 37.53 12.70
N PRO E 26 5.07 38.68 13.32
CA PRO E 26 4.04 39.19 14.22
C PRO E 26 2.93 39.80 13.39
N GLN E 27 1.85 40.19 14.09
CA GLN E 27 0.54 40.57 13.53
C GLN E 27 0.14 39.69 12.34
N PHE E 28 0.04 38.39 12.59
CA PHE E 28 -0.42 37.48 11.57
C PHE E 28 -1.86 37.02 11.75
N ASP E 29 -2.34 36.94 13.00
CA ASP E 29 -3.67 36.43 13.37
C ASP E 29 -3.83 34.99 12.89
N VAL E 30 -3.09 34.11 13.55
CA VAL E 30 -3.00 32.67 13.31
C VAL E 30 -4.38 32.00 13.25
N THR E 31 -4.49 30.96 12.43
CA THR E 31 -5.76 30.26 12.25
C THR E 31 -6.12 29.50 13.52
N PRO E 32 -7.33 29.66 14.05
CA PRO E 32 -7.67 29.03 15.34
C PRO E 32 -7.84 27.54 15.24
N GLU E 33 -8.13 26.91 16.39
CA GLU E 33 -8.17 25.46 16.46
C GLU E 33 -9.46 24.92 15.86
N MET E 34 -9.52 23.61 15.74
CA MET E 34 -10.70 22.93 15.21
C MET E 34 -10.77 21.56 15.86
N GLN E 35 -11.97 21.15 16.24
CA GLN E 35 -12.16 19.86 16.90
C GLN E 35 -12.04 18.75 15.87
N ILE E 36 -10.93 18.03 15.90
CA ILE E 36 -10.65 16.94 14.97
C ILE E 36 -10.60 15.65 15.77
N PRO E 37 -11.31 14.60 15.37
CA PRO E 37 -11.40 13.40 16.21
C PRO E 37 -10.10 12.60 16.20
N GLY E 38 -9.95 11.79 17.23
CA GLY E 38 -8.81 10.91 17.33
C GLY E 38 -7.52 11.62 17.66
N ARG E 39 -7.44 12.21 18.85
CA ARG E 39 -6.25 12.90 19.27
C ARG E 39 -5.37 11.97 20.09
N VAL E 40 -4.06 12.03 19.85
CA VAL E 40 -3.09 11.20 20.54
C VAL E 40 -2.35 12.07 21.53
N ASN E 41 -2.43 11.72 22.81
CA ASN E 41 -1.69 12.43 23.84
C ASN E 41 -0.44 11.70 24.29
N ASN E 42 -0.32 10.41 24.00
CA ASN E 42 0.84 9.64 24.40
C ASN E 42 0.99 8.47 23.44
N LEU E 43 2.23 8.04 23.24
CA LEU E 43 2.46 6.97 22.28
C LEU E 43 2.00 5.61 22.76
N MET E 44 1.70 5.44 24.04
CA MET E 44 1.22 4.15 24.49
C MET E 44 -0.21 3.88 24.05
N GLU E 45 -0.93 4.89 23.57
CA GLU E 45 -2.22 4.64 22.96
C GLU E 45 -2.09 4.00 21.58
N ILE E 46 -0.93 4.09 20.95
CA ILE E 46 -0.70 3.30 19.76
C ILE E 46 -0.46 1.85 20.14
N ALA E 47 0.33 1.61 21.18
CA ALA E 47 0.71 0.25 21.55
C ALA E 47 -0.41 -0.54 22.21
N GLU E 48 -1.54 0.09 22.51
CA GLU E 48 -2.62 -0.64 23.15
C GLU E 48 -3.40 -1.51 22.18
N VAL E 49 -3.45 -1.15 20.90
CA VAL E 49 -4.28 -1.88 19.95
C VAL E 49 -3.54 -3.11 19.49
N ASP E 50 -4.24 -4.01 18.83
CA ASP E 50 -3.71 -5.30 18.44
C ASP E 50 -3.08 -5.25 17.06
N SER E 51 -2.33 -6.30 16.73
CA SER E 51 -1.75 -6.45 15.42
C SER E 51 -1.47 -7.92 15.20
N VAL E 52 -1.30 -8.29 13.97
CA VAL E 52 -1.12 -9.69 13.61
C VAL E 52 0.37 -9.97 13.54
N VAL E 53 0.78 -11.16 13.94
CA VAL E 53 2.18 -11.48 14.17
C VAL E 53 2.66 -12.42 13.07
N PRO E 54 3.67 -12.06 12.32
CA PRO E 54 4.15 -12.95 11.25
C PRO E 54 4.94 -14.13 11.78
N VAL E 55 4.25 -15.14 12.29
CA VAL E 55 4.90 -16.23 12.99
C VAL E 55 5.26 -17.38 12.05
N ASN E 56 5.07 -17.20 10.76
CA ASN E 56 5.29 -18.25 9.77
C ASN E 56 6.24 -17.77 8.68
N ASN E 57 7.42 -17.30 9.09
CA ASN E 57 8.36 -16.65 8.18
C ASN E 57 8.83 -17.59 7.08
N THR E 58 9.57 -18.64 7.46
CA THR E 58 10.08 -19.77 6.66
C THR E 58 10.58 -19.45 5.24
N GLU E 59 11.22 -18.28 5.07
CA GLU E 59 12.08 -17.91 3.95
C GLU E 59 11.43 -17.77 2.58
N ASP E 60 10.16 -18.15 2.43
CA ASP E 60 9.49 -17.89 1.16
C ASP E 60 8.04 -17.50 1.33
N ASN E 61 7.49 -17.56 2.53
CA ASN E 61 6.17 -17.03 2.80
C ASN E 61 6.25 -15.63 3.35
N VAL E 62 7.44 -15.02 3.33
CA VAL E 62 7.58 -13.67 3.84
C VAL E 62 6.93 -12.65 2.91
N SER E 63 7.06 -12.82 1.60
CA SER E 63 6.48 -11.86 0.66
C SER E 63 5.08 -12.29 0.22
N SER E 64 4.25 -12.65 1.18
CA SER E 64 2.88 -13.08 0.90
C SER E 64 2.08 -12.97 2.19
N LEU E 65 0.81 -13.35 2.11
CA LEU E 65 -0.04 -13.38 3.28
C LEU E 65 0.02 -14.69 4.01
N LYS E 66 0.92 -15.59 3.62
CA LYS E 66 1.09 -16.83 4.35
C LYS E 66 2.02 -16.70 5.53
N ALA E 67 2.55 -15.50 5.78
CA ALA E 67 3.39 -15.32 6.95
C ALA E 67 2.57 -15.23 8.23
N TYR E 68 1.29 -14.89 8.15
CA TYR E 68 0.47 -14.70 9.32
C TYR E 68 -0.35 -15.92 9.69
N GLN E 69 -0.25 -17.00 8.92
CA GLN E 69 -1.11 -18.16 9.10
C GLN E 69 -0.30 -19.33 9.63
N ILE E 70 -0.84 -20.01 10.62
CA ILE E 70 -0.23 -21.22 11.18
C ILE E 70 -1.01 -22.42 10.65
N PRO E 71 -0.36 -23.37 9.99
CA PRO E 71 -1.11 -24.51 9.44
C PRO E 71 -1.42 -25.50 10.54
N VAL E 72 -2.68 -25.93 10.59
CA VAL E 72 -3.13 -26.95 11.53
C VAL E 72 -3.95 -27.95 10.74
N GLN E 73 -3.55 -29.21 10.76
CA GLN E 73 -4.31 -30.25 10.07
C GLN E 73 -4.39 -31.48 10.96
N SER E 74 -5.33 -32.35 10.63
CA SER E 74 -5.50 -33.60 11.35
C SER E 74 -4.39 -34.54 10.92
N ASN E 75 -3.33 -34.61 11.70
CA ASN E 75 -2.22 -35.48 11.40
C ASN E 75 -2.50 -36.89 11.94
N SER E 76 -1.52 -37.77 11.79
CA SER E 76 -1.65 -39.14 12.26
C SER E 76 -0.90 -39.40 13.56
N ASP E 77 -0.18 -38.41 14.08
CA ASP E 77 0.60 -38.57 15.29
C ASP E 77 -0.04 -37.77 16.43
N ASN E 78 -0.09 -38.39 17.61
CA ASN E 78 -0.64 -37.75 18.80
C ASN E 78 0.52 -37.11 19.57
N GLY E 79 0.51 -35.79 19.64
CA GLY E 79 1.57 -35.07 20.33
C GLY E 79 2.57 -34.51 19.36
N LYS E 80 2.42 -33.23 19.05
CA LYS E 80 3.26 -32.60 18.05
C LYS E 80 3.26 -31.11 18.31
N GLN E 81 4.38 -30.47 18.03
CA GLN E 81 4.50 -29.04 18.25
C GLN E 81 3.88 -28.30 17.08
N VAL E 82 2.87 -27.48 17.36
CA VAL E 82 2.24 -26.69 16.30
C VAL E 82 3.16 -25.57 15.87
N PHE E 83 3.56 -24.73 16.81
CA PHE E 83 4.53 -23.68 16.54
C PHE E 83 5.31 -23.40 17.82
N GLY E 84 6.16 -22.39 17.77
CA GLY E 84 6.94 -22.00 18.92
C GLY E 84 7.95 -20.95 18.53
N PHE E 85 8.14 -19.95 19.36
CA PHE E 85 9.08 -18.92 19.01
C PHE E 85 9.69 -18.36 20.29
N PRO E 86 10.96 -17.98 20.27
CA PRO E 86 11.56 -17.42 21.46
C PRO E 86 11.10 -15.99 21.68
N LEU E 87 11.46 -15.46 22.85
CA LEU E 87 11.15 -14.07 23.19
C LEU E 87 12.41 -13.25 23.36
N GLN E 88 13.46 -13.59 22.65
CA GLN E 88 14.70 -12.83 22.71
C GLN E 88 14.49 -11.46 22.09
N PRO E 89 14.70 -10.38 22.83
CA PRO E 89 14.29 -9.06 22.36
C PRO E 89 15.22 -8.51 21.30
N GLY E 90 14.63 -8.03 20.20
CA GLY E 90 15.35 -7.29 19.17
C GLY E 90 16.03 -8.14 18.12
N ALA E 91 16.72 -9.19 18.54
CA ALA E 91 17.55 -9.98 17.64
C ALA E 91 16.66 -10.87 16.77
N ASN E 92 16.14 -10.27 15.70
CA ASN E 92 15.30 -10.83 14.64
C ASN E 92 14.25 -11.83 15.09
N ASN E 93 13.60 -11.57 16.22
CA ASN E 93 12.49 -12.40 16.65
C ASN E 93 11.24 -12.01 15.87
N VAL E 94 10.12 -12.66 16.15
CA VAL E 94 8.93 -12.44 15.33
C VAL E 94 8.11 -11.25 15.77
N LEU E 95 8.38 -10.68 16.95
CA LEU E 95 7.63 -9.54 17.44
C LEU E 95 8.26 -8.21 17.10
N ASN E 96 9.13 -8.19 16.09
CA ASN E 96 9.89 -6.98 15.86
C ASN E 96 9.13 -5.97 15.01
N ARG E 97 8.59 -6.41 13.87
CA ARG E 97 7.99 -5.48 12.93
C ARG E 97 6.53 -5.20 13.24
N THR E 98 5.98 -5.79 14.29
CA THR E 98 4.59 -5.53 14.62
C THR E 98 4.43 -4.16 15.25
N LEU E 99 3.18 -3.81 15.58
CA LEU E 99 2.89 -2.45 16.03
C LEU E 99 3.42 -2.18 17.42
N LEU E 100 3.55 -3.22 18.24
CA LEU E 100 4.20 -3.03 19.53
C LEU E 100 5.70 -2.85 19.36
N GLY E 101 6.30 -3.63 18.46
CA GLY E 101 7.74 -3.60 18.32
C GLY E 101 8.29 -2.37 17.66
N GLU E 102 7.50 -1.71 16.81
CA GLU E 102 8.03 -0.54 16.11
C GLU E 102 8.12 0.66 17.01
N ILE E 103 7.29 0.73 18.05
CA ILE E 103 7.44 1.83 19.00
C ILE E 103 8.61 1.57 19.92
N LEU E 104 8.75 0.34 20.41
CA LEU E 104 9.75 0.04 21.42
C LEU E 104 11.16 0.03 20.87
N ASN E 105 11.35 0.10 19.57
CA ASN E 105 12.70 0.29 19.06
C ASN E 105 13.14 1.74 19.10
N TYR E 106 12.28 2.65 19.51
CA TYR E 106 12.69 4.02 19.75
C TYR E 106 13.17 4.24 21.17
N TYR E 107 13.40 3.19 21.94
CA TYR E 107 13.86 3.33 23.31
C TYR E 107 14.92 2.29 23.61
N THR E 108 15.50 2.38 24.81
CA THR E 108 16.59 1.50 25.18
C THR E 108 16.23 0.52 26.28
N HIS E 109 15.49 0.95 27.29
CA HIS E 109 15.08 0.06 28.36
C HIS E 109 13.56 0.13 28.51
N TRP E 110 12.92 -1.02 28.57
CA TRP E 110 11.48 -1.05 28.72
C TRP E 110 11.08 -2.33 29.44
N SER E 111 9.90 -2.30 30.03
CA SER E 111 9.38 -3.47 30.72
C SER E 111 7.86 -3.43 30.71
N GLY E 112 7.25 -4.60 30.63
CA GLY E 112 5.80 -4.67 30.66
C GLY E 112 5.32 -6.09 30.45
N SER E 113 4.05 -6.19 30.12
CA SER E 113 3.40 -7.46 29.88
C SER E 113 2.87 -7.48 28.46
N ILE E 114 2.43 -8.66 28.02
CA ILE E 114 1.98 -8.86 26.65
C ILE E 114 0.70 -9.69 26.68
N LYS E 115 -0.34 -9.21 26.03
CA LYS E 115 -1.51 -10.05 25.77
C LYS E 115 -1.33 -10.77 24.45
N LEU E 116 -1.28 -12.08 24.49
CA LEU E 116 -1.21 -12.91 23.29
C LEU E 116 -2.59 -13.51 23.09
N THR E 117 -3.33 -12.97 22.13
CA THR E 117 -4.67 -13.45 21.82
C THR E 117 -4.61 -14.29 20.56
N PHE E 118 -5.01 -15.55 20.66
CA PHE E 118 -5.10 -16.41 19.50
C PHE E 118 -6.52 -16.43 18.99
N MET E 119 -6.69 -16.93 17.78
CA MET E 119 -8.01 -16.98 17.16
C MET E 119 -8.03 -18.10 16.15
N PHE E 120 -8.88 -19.09 16.37
CA PHE E 120 -8.99 -20.24 15.48
C PHE E 120 -9.97 -19.87 14.37
N CYS E 121 -9.45 -19.52 13.21
CA CYS E 121 -10.29 -19.20 12.07
C CYS E 121 -10.41 -20.40 11.14
N GLY E 122 -10.98 -21.46 11.67
CA GLY E 122 -11.17 -22.68 10.89
C GLY E 122 -12.64 -22.87 10.57
N SER E 123 -13.07 -24.13 10.48
CA SER E 123 -14.46 -24.41 10.16
C SER E 123 -15.35 -24.14 11.37
N ALA E 124 -16.65 -24.33 11.17
CA ALA E 124 -17.61 -24.16 12.24
C ALA E 124 -17.95 -25.45 12.95
N MET E 125 -17.65 -26.60 12.35
CA MET E 125 -18.00 -27.87 12.94
C MET E 125 -16.84 -28.53 13.70
N ALA E 126 -15.61 -28.32 13.26
CA ALA E 126 -14.49 -29.08 13.76
C ALA E 126 -14.12 -28.66 15.17
N THR E 127 -13.84 -29.63 16.02
CA THR E 127 -13.44 -29.39 17.40
C THR E 127 -12.03 -29.94 17.62
N GLY E 128 -11.54 -29.76 18.84
CA GLY E 128 -10.20 -30.19 19.21
C GLY E 128 -9.74 -29.44 20.44
N LYS E 129 -8.54 -29.79 20.86
CA LYS E 129 -7.97 -29.19 22.06
C LYS E 129 -6.52 -28.83 21.81
N PHE E 130 -6.08 -27.71 22.37
CA PHE E 130 -4.70 -27.27 22.22
C PHE E 130 -4.14 -26.87 23.57
N LEU E 131 -2.83 -27.08 23.73
CA LEU E 131 -2.09 -26.53 24.85
C LEU E 131 -1.40 -25.25 24.43
N LEU E 132 -1.24 -24.33 25.38
CA LEU E 132 -0.48 -23.11 25.15
C LEU E 132 0.50 -22.98 26.30
N ALA E 133 1.66 -23.58 26.14
CA ALA E 133 2.63 -23.65 27.22
C ALA E 133 3.62 -22.50 27.11
N TYR E 134 3.70 -21.69 28.16
CA TYR E 134 4.71 -20.65 28.26
C TYR E 134 5.84 -21.16 29.12
N SER E 135 7.02 -21.15 28.59
CA SER E 135 8.11 -21.59 29.43
C SER E 135 8.79 -20.40 30.05
N PRO E 136 9.00 -20.40 31.37
CA PRO E 136 9.64 -19.27 32.04
C PRO E 136 11.10 -19.18 31.65
N PRO E 137 11.72 -18.00 31.79
CA PRO E 137 13.13 -17.88 31.44
C PRO E 137 14.01 -18.59 32.45
N GLY E 138 15.08 -19.20 31.97
CA GLY E 138 15.92 -20.02 32.81
C GLY E 138 15.63 -21.48 32.59
N ALA E 139 14.35 -21.83 32.49
CA ALA E 139 14.00 -23.20 32.15
C ALA E 139 14.18 -23.41 30.65
N GLY E 140 14.29 -24.67 30.27
CA GLY E 140 14.52 -25.00 28.88
C GLY E 140 13.23 -25.06 28.08
N VAL E 141 13.40 -25.21 26.78
CA VAL E 141 12.24 -25.47 25.92
C VAL E 141 11.77 -26.91 26.14
N PRO E 142 10.47 -27.16 26.32
CA PRO E 142 10.02 -28.53 26.51
C PRO E 142 10.07 -29.28 25.20
N LYS E 143 10.51 -30.53 25.26
CA LYS E 143 10.64 -31.37 24.07
C LYS E 143 9.58 -32.46 24.03
N ASN E 144 8.48 -32.28 24.76
CA ASN E 144 7.44 -33.30 24.82
C ASN E 144 6.14 -32.60 25.14
N ARG E 145 5.03 -33.29 24.89
CA ARG E 145 3.75 -32.78 25.34
C ARG E 145 3.64 -32.85 26.85
N LYS E 146 4.23 -33.87 27.46
CA LYS E 146 3.95 -34.17 28.85
C LYS E 146 4.62 -33.19 29.79
N ASP E 147 5.89 -32.86 29.54
CA ASP E 147 6.57 -31.95 30.44
C ASP E 147 6.11 -30.51 30.26
N ALA E 148 5.55 -30.18 29.10
CA ALA E 148 4.94 -28.87 28.93
C ALA E 148 3.66 -28.75 29.75
N MET E 149 3.01 -29.88 30.01
CA MET E 149 1.84 -29.87 30.89
C MET E 149 2.23 -29.62 32.34
N LEU E 150 3.45 -30.01 32.72
CA LEU E 150 3.89 -29.76 34.08
C LEU E 150 4.21 -28.29 34.31
N GLY E 151 4.69 -27.60 33.28
CA GLY E 151 4.92 -26.18 33.37
C GLY E 151 3.62 -25.41 33.32
N THR E 152 3.73 -24.09 33.40
CA THR E 152 2.55 -23.25 33.34
C THR E 152 1.99 -23.21 31.93
N HIS E 153 0.68 -23.37 31.82
CA HIS E 153 0.03 -23.55 30.53
C HIS E 153 -1.44 -23.24 30.69
N VAL E 154 -2.18 -23.38 29.59
CA VAL E 154 -3.63 -23.32 29.60
C VAL E 154 -4.15 -24.18 28.46
N ILE E 155 -5.04 -25.10 28.78
CA ILE E 155 -5.63 -25.94 27.75
C ILE E 155 -6.75 -25.17 27.07
N TRP E 156 -6.71 -25.12 25.76
CA TRP E 156 -7.62 -24.30 24.98
C TRP E 156 -8.47 -25.20 24.11
N ASP E 157 -9.78 -25.04 24.22
CA ASP E 157 -10.71 -25.84 23.46
C ASP E 157 -11.22 -25.05 22.26
N VAL E 158 -11.58 -25.77 21.21
CA VAL E 158 -12.06 -25.13 20.00
C VAL E 158 -13.58 -25.07 19.98
N GLY E 159 -14.24 -26.15 20.40
CA GLY E 159 -15.69 -26.21 20.29
C GLY E 159 -16.42 -25.27 21.23
N LEU E 160 -15.80 -24.93 22.36
CA LEU E 160 -16.44 -24.01 23.28
C LEU E 160 -16.27 -22.57 22.82
N GLN E 161 -15.02 -22.10 22.79
CA GLN E 161 -14.71 -20.74 22.41
C GLN E 161 -13.70 -20.76 21.28
N SER E 162 -13.57 -19.63 20.60
CA SER E 162 -12.70 -19.55 19.43
C SER E 162 -11.50 -18.65 19.65
N SER E 163 -11.24 -18.24 20.89
CA SER E 163 -10.13 -17.34 21.16
C SER E 163 -9.72 -17.46 22.62
N CYS E 164 -8.45 -17.78 22.87
CA CYS E 164 -7.93 -17.85 24.21
C CYS E 164 -6.88 -16.76 24.41
N VAL E 165 -6.75 -16.30 25.65
CA VAL E 165 -5.90 -15.16 25.98
C VAL E 165 -4.80 -15.63 26.91
N LEU E 166 -3.56 -15.39 26.52
CA LEU E 166 -2.39 -15.77 27.30
C LEU E 166 -1.56 -14.53 27.58
N CYS E 167 -1.33 -14.25 28.86
CA CYS E 167 -0.54 -13.09 29.26
C CYS E 167 0.85 -13.51 29.73
N VAL E 168 1.83 -12.67 29.45
CA VAL E 168 3.22 -13.06 29.64
C VAL E 168 4.09 -11.83 29.86
N PRO E 169 5.02 -11.83 30.81
CA PRO E 169 5.92 -10.70 30.98
C PRO E 169 7.02 -10.67 29.94
N TRP E 170 7.48 -9.47 29.63
CA TRP E 170 8.51 -9.27 28.61
C TRP E 170 9.41 -8.12 29.04
N ILE E 171 10.70 -8.26 28.79
CA ILE E 171 11.71 -7.39 29.37
C ILE E 171 12.94 -7.41 28.47
N SER E 172 13.55 -6.25 28.28
CA SER E 172 14.80 -6.16 27.54
C SER E 172 15.94 -6.85 28.29
N ALA E 186 18.26 -19.09 27.92
CA ALA E 186 17.46 -18.29 26.99
C ALA E 186 16.60 -17.29 27.75
N ALA E 187 15.43 -16.97 27.21
CA ALA E 187 14.54 -16.00 27.84
C ALA E 187 13.07 -16.38 27.76
N GLY E 188 12.73 -17.59 27.30
CA GLY E 188 11.35 -18.01 27.28
C GLY E 188 10.85 -18.51 25.95
N TYR E 189 9.77 -19.30 25.96
CA TYR E 189 9.17 -19.81 24.74
C TYR E 189 7.66 -19.87 24.93
N VAL E 190 6.94 -19.77 23.82
CA VAL E 190 5.47 -19.69 23.84
C VAL E 190 4.93 -20.85 22.99
N THR E 191 5.54 -22.03 23.11
CA THR E 191 5.17 -23.17 22.29
C THR E 191 3.74 -23.63 22.54
N CYS E 192 3.17 -24.29 21.53
CA CYS E 192 1.80 -24.76 21.50
C CYS E 192 1.75 -26.18 20.95
N TRP E 193 0.97 -27.04 21.60
CA TRP E 193 1.06 -28.47 21.36
C TRP E 193 -0.32 -29.06 21.06
N TYR E 194 -0.33 -30.08 20.20
CA TYR E 194 -1.54 -30.84 19.95
C TYR E 194 -1.94 -31.61 21.18
N GLN E 195 -3.17 -31.40 21.63
CA GLN E 195 -3.69 -32.23 22.72
C GLN E 195 -4.38 -33.46 22.16
N THR E 196 -5.24 -33.26 21.17
CA THR E 196 -5.89 -34.34 20.45
C THR E 196 -5.91 -33.98 18.97
N ASN E 197 -6.27 -34.95 18.15
CA ASN E 197 -6.42 -34.64 16.74
C ASN E 197 -7.71 -33.89 16.52
N ILE E 198 -7.82 -33.27 15.34
CA ILE E 198 -8.95 -32.42 15.01
C ILE E 198 -10.01 -33.28 14.34
N VAL E 199 -11.04 -33.62 15.10
CA VAL E 199 -12.15 -34.40 14.55
C VAL E 199 -13.09 -33.46 13.81
N VAL E 200 -13.43 -33.81 12.58
CA VAL E 200 -14.25 -32.95 11.72
C VAL E 200 -15.24 -33.84 10.98
N PRO E 201 -16.50 -33.45 10.85
CA PRO E 201 -17.46 -34.29 10.14
C PRO E 201 -17.20 -34.31 8.64
N ALA E 202 -17.93 -35.18 7.97
CA ALA E 202 -17.76 -35.36 6.53
C ALA E 202 -18.24 -34.13 5.77
N ASP E 203 -17.75 -34.02 4.54
CA ASP E 203 -17.99 -32.89 3.64
C ASP E 203 -17.57 -31.56 4.25
N VAL E 204 -16.51 -31.57 5.07
CA VAL E 204 -15.84 -30.36 5.53
C VAL E 204 -14.34 -30.58 5.31
N GLN E 205 -13.64 -29.54 4.90
CA GLN E 205 -12.20 -29.59 4.78
C GLN E 205 -11.56 -29.74 6.16
N SER E 206 -10.36 -30.28 6.19
CA SER E 206 -9.69 -30.61 7.44
C SER E 206 -8.63 -29.59 7.86
N SER E 207 -7.90 -29.01 6.91
CA SER E 207 -6.81 -28.11 7.23
C SER E 207 -7.37 -26.75 7.62
N CYS E 208 -7.06 -26.31 8.85
CA CYS E 208 -7.51 -25.03 9.36
C CYS E 208 -6.31 -24.20 9.79
N ASP E 209 -6.50 -22.89 9.82
CA ASP E 209 -5.44 -21.96 10.14
C ASP E 209 -5.72 -21.27 11.46
N ILE E 210 -4.72 -20.54 11.96
CA ILE E 210 -4.74 -19.92 13.28
C ILE E 210 -4.00 -18.60 13.20
N LEU E 211 -4.58 -17.53 13.73
CA LEU E 211 -3.92 -16.24 13.77
C LEU E 211 -3.28 -16.00 15.14
N CYS E 212 -2.69 -14.81 15.29
CA CYS E 212 -1.99 -14.46 16.52
C CYS E 212 -2.03 -12.95 16.70
N PHE E 213 -2.30 -12.49 17.92
CA PHE E 213 -2.42 -11.07 18.19
C PHE E 213 -1.51 -10.69 19.36
N VAL E 214 -1.04 -9.44 19.37
CA VAL E 214 -0.15 -8.94 20.40
C VAL E 214 -0.54 -7.53 20.76
N SER E 215 -0.72 -7.26 22.06
CA SER E 215 -0.91 -5.92 22.57
C SER E 215 -0.33 -5.85 23.98
N ALA E 216 -0.18 -4.64 24.50
CA ALA E 216 0.37 -4.42 25.82
C ALA E 216 -0.73 -4.56 26.85
N CYS E 217 -0.50 -5.39 27.87
CA CYS E 217 -1.54 -5.63 28.88
C CYS E 217 -1.69 -4.43 29.79
N ASN E 218 -0.67 -4.11 30.55
CA ASN E 218 -0.65 -2.91 31.35
C ASN E 218 0.23 -1.88 30.65
N ASP E 219 0.47 -0.76 31.30
CA ASP E 219 1.31 0.27 30.69
C ASP E 219 2.78 -0.11 30.76
N PHE E 220 3.49 0.14 29.66
CA PHE E 220 4.92 -0.10 29.67
C PHE E 220 5.64 1.03 30.37
N SER E 221 6.97 0.91 30.46
CA SER E 221 7.79 1.92 31.11
C SER E 221 9.06 2.06 30.29
N VAL E 222 9.09 3.02 29.39
CA VAL E 222 10.24 3.22 28.52
C VAL E 222 11.03 4.41 29.03
N ARG E 223 12.28 4.49 28.60
CA ARG E 223 13.17 5.57 29.01
C ARG E 223 14.32 5.67 28.02
N MET E 224 14.96 6.85 28.00
CA MET E 224 16.22 7.12 27.32
C MET E 224 16.13 6.87 25.81
N LEU E 225 15.40 7.77 25.16
CA LEU E 225 15.08 7.65 23.73
C LEU E 225 16.32 7.58 22.85
N LYS E 226 16.21 6.82 21.77
CA LYS E 226 17.23 6.72 20.75
C LYS E 226 16.54 6.65 19.39
N ASP E 227 17.33 6.57 18.32
CA ASP E 227 16.77 6.44 16.99
C ASP E 227 16.69 4.98 16.57
N THR E 228 15.81 4.71 15.61
CA THR E 228 15.50 3.35 15.21
C THR E 228 16.55 2.78 14.26
N PRO E 229 16.75 1.47 14.25
CA PRO E 229 17.63 0.85 13.26
C PRO E 229 16.95 0.33 12.01
N PHE E 230 15.66 0.61 11.81
CA PHE E 230 14.98 0.14 10.61
C PHE E 230 15.06 1.15 9.48
N ILE E 231 16.27 1.63 9.19
CA ILE E 231 16.47 2.63 8.14
C ILE E 231 17.88 2.46 7.60
N ARG E 232 18.13 3.07 6.45
CA ARG E 232 19.41 2.98 5.74
C ARG E 232 20.61 3.44 6.56
#